data_5EQ6
#
_entry.id   5EQ6
#
_cell.length_a   112.600
_cell.length_b   151.767
_cell.length_c   45.886
_cell.angle_alpha   90.00
_cell.angle_beta   90.00
_cell.angle_gamma   90.00
#
_symmetry.space_group_name_H-M   'P 21 21 2'
#
loop_
_entity.id
_entity.type
_entity.pdbx_description
1 polymer 'Type 4 fimbrial biogenesis protein PilM'
2 non-polymer 'PHOSPHOAMINOPHOSPHONIC ACID-ADENYLATE ESTER'
3 non-polymer 'MAGNESIUM ION'
4 water water
#
_entity_poly.entity_id   1
_entity_poly.type   'polypeptide(L)'
_entity_poly.pdbx_seq_one_letter_code
;GSHMLGLIKKKANTLLGIDISSTSVKLLELSRSGGRYKVEAYAVEPLPPNAVVEKNIVELEGVGQALSRVLVKAKTNLKS
AVVAVAGSAVITKTIEMEAGLSEDELENQLKIEADQYIPYPLEEVAIDFEVQGLSARNPERVDVLLAACRKENVEVREAA
LALAGLTAKVVDVEAYALERSYALLSSQLGADTDQLTVAVVDIGATMTTLSVLHNGRTIYTREQLFGGRQLTEEIQRRYG
LSVEEAGLAKKQGGLPDDYDSEVLRPFKDAVVQQVSRSLQFFFAAGQFNDVDYIVLAGGTASIQDLDRLIQQKIGTPTLV
ANPFADMALNGKVNAGALASDAPALMIACGLALRSFD
;
_entity_poly.pdbx_strand_id   A,B
#
loop_
_chem_comp.id
_chem_comp.type
_chem_comp.name
_chem_comp.formula
ANP non-polymer 'PHOSPHOAMINOPHOSPHONIC ACID-ADENYLATE ESTER' 'C10 H17 N6 O12 P3'
MG non-polymer 'MAGNESIUM ION' 'Mg 2'
#
# COMPACT_ATOMS: atom_id res chain seq x y z
N GLY A 1 7.71 18.23 -8.13
CA GLY A 1 8.15 19.61 -8.34
C GLY A 1 7.27 20.35 -9.32
N SER A 2 7.86 20.88 -10.39
CA SER A 2 7.10 21.44 -11.50
C SER A 2 6.09 20.40 -11.95
N HIS A 3 6.55 19.16 -12.03
CA HIS A 3 5.66 18.01 -12.09
C HIS A 3 4.96 17.83 -10.74
N MET A 4 3.81 18.49 -10.59
CA MET A 4 2.93 18.19 -9.47
C MET A 4 1.85 17.26 -10.02
N LEU A 5 2.08 16.83 -11.25
CA LEU A 5 1.06 16.18 -12.07
C LEU A 5 1.07 14.67 -11.87
N GLY A 6 -0.12 14.08 -11.84
CA GLY A 6 -0.26 12.63 -11.78
C GLY A 6 -1.06 12.14 -12.96
N LEU A 7 -0.92 12.85 -14.08
CA LEU A 7 -1.72 12.61 -15.27
C LEU A 7 -1.51 11.22 -15.88
N ILE A 8 -0.29 10.68 -15.76
CA ILE A 8 0.00 9.36 -16.29
C ILE A 8 -0.33 8.29 -15.25
N LYS A 9 -0.95 7.19 -15.72
CA LYS A 9 -1.27 6.07 -14.84
C LYS A 9 -0.03 5.43 -14.24
N LYS A 10 0.18 5.67 -12.95
CA LYS A 10 1.31 5.10 -12.22
C LYS A 10 1.30 3.58 -12.24
N LYS A 11 2.48 2.99 -12.34
CA LYS A 11 2.61 1.54 -12.34
C LYS A 11 2.29 0.97 -10.97
N ALA A 12 2.62 1.75 -9.93
CA ALA A 12 2.52 1.33 -8.53
C ALA A 12 3.32 0.05 -8.33
N ASN A 13 4.55 0.05 -8.83
CA ASN A 13 5.38 -1.15 -8.89
C ASN A 13 5.84 -1.66 -7.54
N THR A 14 5.84 -2.99 -7.40
CA THR A 14 6.26 -3.65 -6.17
C THR A 14 7.77 -3.89 -6.14
N LEU A 15 8.25 -4.43 -5.02
CA LEU A 15 9.67 -4.69 -4.84
C LEU A 15 9.92 -6.12 -4.38
N LEU A 16 11.10 -6.64 -4.70
CA LEU A 16 11.49 -7.98 -4.25
C LEU A 16 11.91 -7.94 -2.78
N GLY A 17 11.53 -8.98 -2.05
CA GLY A 17 11.94 -9.13 -0.66
C GLY A 17 13.12 -10.08 -0.54
N ILE A 18 14.30 -9.52 -0.35
CA ILE A 18 15.52 -10.33 -0.29
C ILE A 18 16.13 -10.35 1.10
N ASP A 19 16.07 -11.52 1.72
CA ASP A 19 16.65 -11.71 3.06
C ASP A 19 18.02 -12.36 2.98
N ILE A 20 19.06 -11.56 3.15
CA ILE A 20 20.43 -12.08 3.17
C ILE A 20 20.86 -12.42 4.60
N SER A 21 21.04 -13.71 4.85
CA SER A 21 21.45 -14.15 6.18
C SER A 21 22.84 -14.78 6.12
N SER A 22 23.18 -15.56 7.15
CA SER A 22 24.52 -16.11 7.29
C SER A 22 24.68 -17.45 6.56
N THR A 23 23.58 -18.15 6.34
CA THR A 23 23.64 -19.49 5.75
C THR A 23 22.89 -19.60 4.43
N SER A 24 22.02 -18.63 4.13
CA SER A 24 21.23 -18.70 2.92
C SER A 24 20.73 -17.34 2.43
N VAL A 25 20.27 -17.31 1.19
CA VAL A 25 19.64 -16.13 0.59
C VAL A 25 18.22 -16.49 0.17
N LYS A 26 17.25 -15.71 0.62
CA LYS A 26 15.85 -15.99 0.33
C LYS A 26 15.18 -14.86 -0.45
N LEU A 27 14.37 -15.23 -1.43
CA LEU A 27 13.68 -14.26 -2.27
C LEU A 27 12.17 -14.46 -2.21
N LEU A 28 11.43 -13.37 -2.19
CA LEU A 28 9.97 -13.43 -2.20
C LEU A 28 9.36 -12.24 -2.93
N GLU A 29 8.39 -12.52 -3.79
CA GLU A 29 7.70 -11.47 -4.53
C GLU A 29 6.20 -11.53 -4.29
N LEU A 30 5.61 -10.42 -3.86
CA LEU A 30 4.20 -10.37 -3.52
C LEU A 30 3.40 -9.42 -4.41
N SER A 31 2.09 -9.67 -4.49
CA SER A 31 1.15 -8.77 -5.14
C SER A 31 -0.17 -8.80 -4.39
N ARG A 32 -1.06 -7.87 -4.71
CA ARG A 32 -2.39 -7.85 -4.09
C ARG A 32 -3.45 -7.40 -5.09
N SER A 33 -4.64 -7.96 -4.97
CA SER A 33 -5.74 -7.64 -5.88
C SER A 33 -6.99 -7.24 -5.12
N GLY A 34 -7.50 -8.15 -4.29
CA GLY A 34 -8.61 -7.84 -3.41
C GLY A 34 -8.08 -7.46 -2.04
N GLY A 35 -8.38 -8.31 -1.06
CA GLY A 35 -7.79 -8.18 0.25
C GLY A 35 -6.79 -9.30 0.41
N ARG A 36 -6.85 -10.24 -0.52
CA ARG A 36 -5.99 -11.42 -0.50
C ARG A 36 -4.67 -11.15 -1.21
N TYR A 37 -3.57 -11.62 -0.62
CA TYR A 37 -2.26 -11.49 -1.24
C TYR A 37 -1.97 -12.66 -2.18
N LYS A 38 -0.92 -12.52 -2.97
CA LYS A 38 -0.52 -13.58 -3.89
C LYS A 38 1.00 -13.66 -4.01
N VAL A 39 1.54 -14.86 -3.85
CA VAL A 39 2.97 -15.10 -4.04
C VAL A 39 3.29 -15.24 -5.52
N GLU A 40 3.89 -14.20 -6.10
CA GLU A 40 4.24 -14.22 -7.52
C GLU A 40 5.43 -15.16 -7.76
N ALA A 41 6.48 -14.98 -6.97
CA ALA A 41 7.67 -15.80 -7.11
C ALA A 41 8.43 -15.92 -5.80
N TYR A 42 9.17 -17.02 -5.64
CA TYR A 42 10.05 -17.22 -4.50
C TYR A 42 11.05 -18.32 -4.81
N ALA A 43 12.26 -18.14 -4.28
CA ALA A 43 13.29 -19.16 -4.35
C ALA A 43 14.27 -19.00 -3.19
N VAL A 44 14.96 -20.09 -2.86
CA VAL A 44 16.00 -20.06 -1.84
C VAL A 44 17.30 -20.62 -2.41
N GLU A 45 18.37 -19.83 -2.31
CA GLU A 45 19.68 -20.28 -2.72
C GLU A 45 20.65 -20.22 -1.55
N PRO A 46 21.16 -21.39 -1.15
CA PRO A 46 22.12 -21.49 -0.04
C PRO A 46 23.42 -20.72 -0.32
N LEU A 47 24.01 -20.16 0.73
CA LEU A 47 25.27 -19.45 0.60
C LEU A 47 26.45 -20.36 0.92
N PRO A 48 27.60 -20.12 0.24
CA PRO A 48 28.82 -20.82 0.61
C PRO A 48 29.18 -20.54 2.07
N PRO A 49 29.82 -21.50 2.75
CA PRO A 49 30.24 -21.25 4.13
C PRO A 49 31.27 -20.13 4.18
N ASN A 50 31.28 -19.36 5.27
CA ASN A 50 32.18 -18.23 5.46
C ASN A 50 31.98 -17.12 4.41
N ALA A 51 30.84 -17.13 3.74
CA ALA A 51 30.52 -16.07 2.78
C ALA A 51 29.88 -14.90 3.51
N VAL A 52 29.05 -15.22 4.50
CA VAL A 52 28.46 -14.22 5.37
C VAL A 52 28.60 -14.63 6.84
N VAL A 53 29.62 -14.08 7.50
CA VAL A 53 29.84 -14.35 8.91
C VAL A 53 29.09 -13.30 9.74
N GLU A 54 28.46 -13.74 10.82
CA GLU A 54 27.65 -12.88 11.68
C GLU A 54 26.54 -12.21 10.86
N LYS A 55 26.52 -10.89 10.86
CA LYS A 55 25.61 -10.13 10.01
C LYS A 55 26.42 -9.30 9.02
N ASN A 56 27.54 -9.85 8.58
CA ASN A 56 28.45 -9.17 7.67
C ASN A 56 28.73 -9.96 6.40
N ILE A 57 28.60 -9.31 5.25
CA ILE A 57 29.00 -9.91 3.98
C ILE A 57 30.51 -9.89 3.84
N VAL A 58 31.09 -11.05 3.58
CA VAL A 58 32.54 -11.19 3.55
C VAL A 58 33.05 -11.50 2.14
N GLU A 59 32.41 -12.44 1.48
CA GLU A 59 32.77 -12.79 0.10
C GLU A 59 31.77 -12.19 -0.88
N LEU A 60 32.10 -11.02 -1.42
CA LEU A 60 31.18 -10.25 -2.25
C LEU A 60 30.78 -10.99 -3.52
N GLU A 61 31.75 -11.55 -4.22
CA GLU A 61 31.49 -12.28 -5.47
C GLU A 61 30.68 -13.55 -5.23
N GLY A 62 30.95 -14.21 -4.11
CA GLY A 62 30.26 -15.44 -3.76
C GLY A 62 28.80 -15.24 -3.46
N VAL A 63 28.48 -14.15 -2.76
CA VAL A 63 27.12 -13.83 -2.40
C VAL A 63 26.29 -13.44 -3.63
N GLY A 64 26.90 -12.66 -4.51
CA GLY A 64 26.23 -12.15 -5.70
C GLY A 64 25.71 -13.23 -6.63
N GLN A 65 26.51 -14.28 -6.81
CA GLN A 65 26.14 -15.38 -7.71
C GLN A 65 24.97 -16.17 -7.15
N ALA A 66 25.04 -16.51 -5.87
CA ALA A 66 23.95 -17.20 -5.19
C ALA A 66 22.70 -16.32 -5.24
N LEU A 67 22.90 -15.02 -5.12
CA LEU A 67 21.82 -14.06 -5.28
C LEU A 67 21.29 -14.05 -6.70
N SER A 68 22.19 -14.13 -7.67
CA SER A 68 21.80 -14.09 -9.08
C SER A 68 21.13 -15.42 -9.47
N ARG A 69 21.56 -16.50 -8.82
CA ARG A 69 21.01 -17.82 -9.09
C ARG A 69 19.60 -17.96 -8.54
N VAL A 70 19.32 -17.32 -7.43
CA VAL A 70 18.00 -17.42 -6.86
C VAL A 70 16.99 -16.81 -7.82
N LEU A 71 17.38 -15.73 -8.45
CA LEU A 71 16.47 -15.04 -9.36
C LEU A 71 15.93 -16.02 -10.40
N VAL A 72 16.84 -16.77 -11.00
CA VAL A 72 16.50 -17.73 -12.04
C VAL A 72 15.58 -18.83 -11.52
N LYS A 73 15.87 -19.33 -10.32
CA LYS A 73 15.03 -20.36 -9.71
C LYS A 73 13.65 -19.80 -9.41
N ALA A 74 13.60 -18.54 -9.00
CA ALA A 74 12.34 -17.86 -8.74
C ALA A 74 11.68 -17.48 -10.07
N LYS A 75 12.50 -17.30 -11.09
CA LYS A 75 12.03 -16.92 -12.43
C LYS A 75 11.16 -15.68 -12.40
N THR A 76 11.77 -14.53 -12.09
CA THR A 76 11.05 -13.27 -12.04
C THR A 76 11.77 -12.20 -12.83
N ASN A 77 11.02 -11.22 -13.31
CA ASN A 77 11.59 -10.15 -14.13
C ASN A 77 11.83 -8.86 -13.33
N LEU A 78 11.46 -8.87 -12.06
CA LEU A 78 11.73 -7.74 -11.18
C LEU A 78 13.23 -7.55 -10.99
N LYS A 79 13.66 -6.29 -10.97
CA LYS A 79 15.08 -5.98 -10.85
C LYS A 79 15.37 -5.02 -9.71
N SER A 80 14.35 -4.68 -8.94
CA SER A 80 14.52 -3.86 -7.74
C SER A 80 14.13 -4.66 -6.52
N ALA A 81 14.81 -4.43 -5.40
CA ALA A 81 14.61 -5.27 -4.23
C ALA A 81 14.77 -4.54 -2.90
N VAL A 82 14.18 -5.13 -1.85
CA VAL A 82 14.32 -4.63 -0.49
C VAL A 82 15.20 -5.57 0.34
N VAL A 83 16.28 -5.03 0.89
CA VAL A 83 17.16 -5.80 1.76
C VAL A 83 17.09 -5.26 3.19
N ALA A 84 17.58 -6.04 4.15
CA ALA A 84 17.45 -5.65 5.56
C ALA A 84 18.75 -5.80 6.34
N VAL A 85 18.99 -4.85 7.23
CA VAL A 85 20.08 -4.94 8.18
C VAL A 85 19.53 -5.32 9.55
N ALA A 86 20.38 -5.84 10.42
CA ALA A 86 19.95 -6.27 11.74
C ALA A 86 19.70 -5.06 12.65
N GLY A 87 18.76 -5.22 13.58
CA GLY A 87 18.47 -4.17 14.54
C GLY A 87 19.64 -3.89 15.45
N SER A 88 20.52 -4.89 15.58
CA SER A 88 21.72 -4.76 16.39
C SER A 88 22.76 -3.86 15.71
N ALA A 89 22.51 -3.55 14.44
CA ALA A 89 23.42 -2.68 13.69
C ALA A 89 22.93 -1.23 13.70
N VAL A 90 21.77 -1.01 14.31
CA VAL A 90 21.13 0.30 14.27
C VAL A 90 21.14 1.01 15.62
N ILE A 91 21.67 2.24 15.63
CA ILE A 91 21.57 3.12 16.79
C ILE A 91 20.37 4.05 16.64
N THR A 92 19.51 4.06 17.65
CA THR A 92 18.32 4.92 17.64
C THR A 92 18.39 5.92 18.78
N LYS A 93 18.15 7.19 18.46
CA LYS A 93 18.30 8.27 19.41
C LYS A 93 17.46 9.48 19.01
N THR A 94 16.86 10.15 20.00
CA THR A 94 16.07 11.33 19.74
C THR A 94 16.76 12.58 20.26
N ILE A 95 17.13 13.49 19.36
CA ILE A 95 17.87 14.69 19.71
C ILE A 95 17.05 15.95 19.46
N GLU A 96 17.56 17.09 19.95
CA GLU A 96 16.91 18.37 19.73
C GLU A 96 17.72 19.25 18.79
N MET A 97 17.05 19.81 17.79
CA MET A 97 17.70 20.66 16.79
C MET A 97 16.97 21.99 16.67
N GLU A 98 17.61 22.95 16.02
CA GLU A 98 17.01 24.26 15.80
C GLU A 98 15.72 24.16 14.98
N ALA A 99 14.70 24.91 15.39
CA ALA A 99 13.43 24.92 14.68
C ALA A 99 13.45 25.95 13.55
N GLY A 100 12.57 25.77 12.58
CA GLY A 100 12.47 26.67 11.44
C GLY A 100 13.35 26.24 10.28
N LEU A 101 14.08 25.14 10.46
CA LEU A 101 14.93 24.62 9.41
C LEU A 101 14.19 23.57 8.58
N SER A 102 14.34 23.66 7.26
CA SER A 102 13.67 22.73 6.36
C SER A 102 14.23 21.33 6.48
N GLU A 103 13.56 20.37 5.84
CA GLU A 103 14.02 18.99 5.83
C GLU A 103 15.36 18.89 5.13
N ASP A 104 15.51 19.64 4.05
CA ASP A 104 16.75 19.65 3.27
C ASP A 104 17.87 20.31 4.08
N GLU A 105 17.53 21.39 4.77
CA GLU A 105 18.51 22.14 5.56
C GLU A 105 19.05 21.30 6.71
N LEU A 106 18.16 20.57 7.38
CA LEU A 106 18.56 19.74 8.51
C LEU A 106 19.48 18.59 8.08
N GLU A 107 19.18 17.97 6.95
CA GLU A 107 19.99 16.86 6.46
C GLU A 107 21.41 17.30 6.15
N ASN A 108 21.54 18.48 5.54
CA ASN A 108 22.85 19.04 5.22
C ASN A 108 23.69 19.25 6.46
N GLN A 109 23.08 19.78 7.52
CA GLN A 109 23.77 20.01 8.78
C GLN A 109 24.04 18.68 9.48
N LEU A 110 23.13 17.73 9.31
CA LEU A 110 23.26 16.42 9.96
C LEU A 110 24.42 15.61 9.39
N LYS A 111 24.79 15.89 8.15
CA LYS A 111 25.90 15.18 7.51
C LYS A 111 27.22 15.59 8.18
N ILE A 112 27.30 16.85 8.57
CA ILE A 112 28.50 17.38 9.20
C ILE A 112 28.52 17.08 10.70
N GLU A 113 27.39 17.27 11.35
CA GLU A 113 27.30 17.13 12.80
C GLU A 113 26.93 15.73 13.27
N ALA A 114 26.93 14.78 12.35
CA ALA A 114 26.55 13.40 12.67
C ALA A 114 27.37 12.85 13.83
N ASP A 115 28.67 13.13 13.80
CA ASP A 115 29.61 12.65 14.80
C ASP A 115 29.20 13.00 16.24
N GLN A 116 28.58 14.16 16.40
CA GLN A 116 28.22 14.66 17.74
C GLN A 116 27.15 13.80 18.42
N TYR A 117 26.22 13.29 17.63
CA TYR A 117 25.06 12.59 18.18
C TYR A 117 25.15 11.08 18.01
N ILE A 118 26.07 10.64 17.15
CA ILE A 118 26.18 9.23 16.83
C ILE A 118 27.55 8.69 17.23
N PRO A 119 27.59 7.46 17.76
CA PRO A 119 28.83 6.79 18.15
C PRO A 119 29.82 6.60 16.99
N TYR A 120 29.29 6.32 15.81
CA TYR A 120 30.14 6.00 14.65
C TYR A 120 30.92 7.22 14.18
N PRO A 121 32.11 6.99 13.57
CA PRO A 121 32.89 8.07 12.97
C PRO A 121 32.13 8.75 11.83
N LEU A 122 32.54 9.96 11.49
CA LEU A 122 31.82 10.79 10.53
C LEU A 122 31.74 10.17 9.14
N GLU A 123 32.82 9.53 8.71
CA GLU A 123 32.90 9.01 7.35
C GLU A 123 32.13 7.71 7.17
N GLU A 124 31.95 6.97 8.26
CA GLU A 124 31.39 5.63 8.18
C GLU A 124 29.95 5.53 8.69
N VAL A 125 29.20 6.63 8.61
CA VAL A 125 27.83 6.61 9.13
C VAL A 125 26.79 6.84 8.04
N ALA A 126 25.80 5.97 8.00
CA ALA A 126 24.60 6.18 7.20
C ALA A 126 23.48 6.59 8.15
N ILE A 127 23.02 7.83 8.03
CA ILE A 127 22.09 8.39 9.00
C ILE A 127 20.71 8.69 8.38
N ASP A 128 19.67 8.29 9.10
CA ASP A 128 18.30 8.56 8.67
C ASP A 128 17.57 9.29 9.79
N PHE A 129 16.63 10.16 9.43
CA PHE A 129 15.98 11.00 10.44
C PHE A 129 14.54 11.33 10.10
N GLU A 130 13.78 11.72 11.12
CA GLU A 130 12.41 12.19 10.95
C GLU A 130 12.05 13.21 12.00
N VAL A 131 11.52 14.36 11.57
CA VAL A 131 11.08 15.40 12.48
C VAL A 131 9.75 15.02 13.14
N GLN A 132 9.73 15.00 14.46
CA GLN A 132 8.55 14.58 15.21
C GLN A 132 7.63 15.77 15.49
N GLY A 133 8.23 16.91 15.84
CA GLY A 133 7.48 18.10 16.16
C GLY A 133 8.23 18.98 17.14
N LEU A 134 7.58 20.05 17.59
CA LEU A 134 8.18 20.95 18.57
C LEU A 134 8.55 20.22 19.86
N SER A 135 9.68 20.60 20.44
CA SER A 135 10.11 20.02 21.70
C SER A 135 9.26 20.56 22.84
N ALA A 136 8.92 19.70 23.79
CA ALA A 136 8.11 20.11 24.94
C ALA A 136 8.90 20.98 25.90
N ARG A 137 10.18 20.63 26.08
CA ARG A 137 11.05 21.34 27.00
C ARG A 137 11.28 22.78 26.52
N ASN A 138 11.51 22.94 25.22
CA ASN A 138 11.69 24.26 24.63
C ASN A 138 11.04 24.36 23.26
N PRO A 139 9.95 25.14 23.16
CA PRO A 139 9.19 25.36 21.92
C PRO A 139 9.99 26.05 20.81
N GLU A 140 11.25 26.35 21.07
CA GLU A 140 12.10 26.97 20.06
C GLU A 140 12.95 25.93 19.32
N ARG A 141 12.89 24.69 19.78
CA ARG A 141 13.63 23.60 19.16
C ARG A 141 12.71 22.43 18.80
N VAL A 142 13.14 21.59 17.87
CA VAL A 142 12.32 20.46 17.42
C VAL A 142 12.97 19.12 17.75
N ASP A 143 12.13 18.10 17.92
CA ASP A 143 12.61 16.74 18.15
C ASP A 143 12.82 15.99 16.84
N VAL A 144 14.02 15.45 16.66
CA VAL A 144 14.32 14.66 15.47
C VAL A 144 14.74 13.24 15.84
N LEU A 145 13.97 12.27 15.37
CA LEU A 145 14.28 10.86 15.60
C LEU A 145 15.40 10.40 14.68
N LEU A 146 16.47 9.87 15.26
CA LEU A 146 17.61 9.42 14.47
C LEU A 146 17.73 7.90 14.47
N ALA A 147 18.04 7.35 13.30
CA ALA A 147 18.39 5.95 13.18
C ALA A 147 19.58 5.84 12.23
N ALA A 148 20.67 5.26 12.73
CA ALA A 148 21.90 5.20 11.94
C ALA A 148 22.63 3.88 12.09
N CYS A 149 23.35 3.51 11.04
CA CYS A 149 24.17 2.31 11.04
C CYS A 149 25.47 2.60 10.31
N ARG A 150 26.42 1.67 10.40
CA ARG A 150 27.67 1.81 9.65
C ARG A 150 27.40 1.74 8.16
N LYS A 151 28.01 2.65 7.41
CA LYS A 151 27.79 2.75 5.96
C LYS A 151 28.13 1.45 5.25
N GLU A 152 29.12 0.73 5.77
CA GLU A 152 29.55 -0.55 5.20
C GLU A 152 28.42 -1.56 5.10
N ASN A 153 27.64 -1.68 6.18
CA ASN A 153 26.52 -2.61 6.22
C ASN A 153 25.55 -2.43 5.06
N VAL A 154 25.38 -1.19 4.63
CA VAL A 154 24.48 -0.87 3.52
C VAL A 154 25.16 -1.09 2.17
N GLU A 155 26.36 -0.52 2.03
CA GLU A 155 27.06 -0.49 0.74
C GLU A 155 27.38 -1.88 0.16
N VAL A 156 27.79 -2.81 1.02
CA VAL A 156 28.12 -4.15 0.54
C VAL A 156 26.88 -4.87 0.03
N ARG A 157 25.73 -4.58 0.63
CA ARG A 157 24.47 -5.17 0.20
C ARG A 157 24.00 -4.55 -1.11
N GLU A 158 24.32 -3.27 -1.30
CA GLU A 158 24.00 -2.59 -2.55
C GLU A 158 24.86 -3.08 -3.70
N ALA A 159 26.16 -3.22 -3.44
CA ALA A 159 27.09 -3.70 -4.45
C ALA A 159 26.83 -5.16 -4.78
N ALA A 160 26.47 -5.96 -3.77
CA ALA A 160 26.18 -7.37 -3.97
C ALA A 160 24.92 -7.55 -4.82
N LEU A 161 23.93 -6.69 -4.62
CA LEU A 161 22.73 -6.71 -5.42
C LEU A 161 23.04 -6.28 -6.85
N ALA A 162 23.96 -5.34 -6.99
CA ALA A 162 24.33 -4.82 -8.30
C ALA A 162 25.00 -5.88 -9.17
N LEU A 163 25.78 -6.75 -8.54
CA LEU A 163 26.49 -7.81 -9.25
C LEU A 163 25.51 -8.84 -9.82
N ALA A 164 24.29 -8.87 -9.27
CA ALA A 164 23.24 -9.73 -9.77
C ALA A 164 22.27 -8.95 -10.64
N GLY A 165 22.60 -7.68 -10.87
CA GLY A 165 21.76 -6.81 -11.69
C GLY A 165 20.55 -6.28 -10.94
N LEU A 166 20.65 -6.26 -9.61
CA LEU A 166 19.56 -5.79 -8.78
C LEU A 166 19.89 -4.45 -8.12
N THR A 167 18.87 -3.74 -7.67
CA THR A 167 19.05 -2.45 -7.03
C THR A 167 18.33 -2.40 -5.68
N ALA A 168 19.04 -1.92 -4.66
CA ALA A 168 18.46 -1.76 -3.33
C ALA A 168 17.74 -0.43 -3.21
N LYS A 169 16.46 -0.41 -3.57
CA LYS A 169 15.65 0.79 -3.43
C LYS A 169 15.41 1.11 -1.97
N VAL A 170 15.28 0.07 -1.14
CA VAL A 170 15.03 0.24 0.28
C VAL A 170 15.97 -0.60 1.13
N VAL A 171 16.71 0.05 2.03
CA VAL A 171 17.50 -0.66 3.03
C VAL A 171 16.71 -0.68 4.33
N ASP A 172 16.09 -1.81 4.61
CA ASP A 172 15.17 -1.94 5.74
C ASP A 172 15.86 -2.48 6.98
N VAL A 173 15.11 -2.59 8.07
CA VAL A 173 15.62 -3.20 9.31
C VAL A 173 14.84 -4.49 9.58
N GLU A 174 15.58 -5.56 9.91
CA GLU A 174 15.00 -6.90 10.07
C GLU A 174 13.81 -6.95 11.02
N ALA A 175 13.88 -6.20 12.11
CA ALA A 175 12.84 -6.21 13.13
C ALA A 175 11.50 -5.67 12.63
N TYR A 176 11.56 -4.65 11.78
CA TYR A 176 10.34 -4.05 11.24
C TYR A 176 9.65 -4.99 10.26
N ALA A 177 10.45 -5.70 9.48
CA ALA A 177 9.93 -6.65 8.51
C ALA A 177 9.19 -7.78 9.23
N LEU A 178 9.75 -8.22 10.36
CA LEU A 178 9.14 -9.25 11.18
C LEU A 178 7.76 -8.82 11.64
N GLU A 179 7.63 -7.54 11.99
CA GLU A 179 6.36 -6.98 12.45
C GLU A 179 5.29 -7.04 11.36
N ARG A 180 5.70 -6.78 10.12
CA ARG A 180 4.77 -6.76 9.00
C ARG A 180 4.24 -8.15 8.69
N SER A 181 5.12 -9.14 8.72
CA SER A 181 4.74 -10.53 8.48
C SER A 181 3.94 -11.08 9.66
N TYR A 182 4.29 -10.62 10.86
CA TYR A 182 3.63 -11.06 12.08
C TYR A 182 2.16 -10.67 12.12
N ALA A 183 1.81 -9.61 11.39
CA ALA A 183 0.43 -9.13 11.33
C ALA A 183 -0.47 -10.11 10.58
N LEU A 184 0.12 -10.87 9.66
CA LEU A 184 -0.64 -11.80 8.83
C LEU A 184 -1.08 -13.03 9.61
N LEU A 185 -0.55 -13.19 10.82
CA LEU A 185 -0.84 -14.36 11.64
C LEU A 185 -2.14 -14.19 12.43
N SER A 186 -2.84 -13.09 12.18
CA SER A 186 -4.08 -12.78 12.90
C SER A 186 -5.11 -13.91 12.79
N SER A 187 -5.19 -14.53 11.62
CA SER A 187 -6.12 -15.62 11.39
C SER A 187 -5.76 -16.83 12.27
N GLN A 188 -4.50 -17.23 12.21
CA GLN A 188 -4.03 -18.43 12.92
C GLN A 188 -3.98 -18.23 14.44
N LEU A 189 -3.81 -16.99 14.87
CA LEU A 189 -3.60 -16.69 16.30
C LEU A 189 -4.89 -16.64 17.10
N GLY A 190 -6.02 -16.67 16.41
CA GLY A 190 -7.32 -16.67 17.08
C GLY A 190 -7.65 -15.34 17.72
N ALA A 191 -6.87 -14.31 17.38
CA ALA A 191 -7.08 -12.97 17.91
C ALA A 191 -6.39 -11.95 17.00
N ASP A 192 -6.82 -10.70 17.08
CA ASP A 192 -6.22 -9.64 16.28
C ASP A 192 -4.80 -9.39 16.75
N THR A 193 -3.90 -9.10 15.82
CA THR A 193 -2.50 -8.86 16.15
C THR A 193 -2.32 -7.57 16.94
N ASP A 194 -3.34 -6.72 16.90
CA ASP A 194 -3.29 -5.44 17.61
C ASP A 194 -3.52 -5.63 19.11
N GLN A 195 -4.22 -6.69 19.48
CA GLN A 195 -4.57 -6.91 20.88
C GLN A 195 -3.52 -7.72 21.64
N LEU A 196 -3.00 -8.77 21.01
CA LEU A 196 -2.18 -9.75 21.70
C LEU A 196 -0.75 -9.32 21.96
N THR A 197 -0.15 -9.94 22.98
CA THR A 197 1.27 -9.79 23.28
C THR A 197 1.98 -11.10 22.99
N VAL A 198 2.82 -11.12 21.96
CA VAL A 198 3.38 -12.36 21.45
C VAL A 198 4.90 -12.39 21.44
N ALA A 199 5.48 -13.47 21.95
CA ALA A 199 6.91 -13.69 21.88
C ALA A 199 7.27 -14.53 20.66
N VAL A 200 7.87 -13.89 19.66
CA VAL A 200 8.25 -14.59 18.42
C VAL A 200 9.65 -15.16 18.52
N VAL A 201 9.75 -16.48 18.36
CA VAL A 201 11.02 -17.17 18.48
C VAL A 201 11.54 -17.63 17.12
N ASP A 202 12.49 -16.88 16.58
CA ASP A 202 13.11 -17.22 15.31
C ASP A 202 14.34 -18.10 15.54
N ILE A 203 14.19 -19.41 15.31
CA ILE A 203 15.28 -20.35 15.49
C ILE A 203 15.97 -20.64 14.17
N GLY A 204 17.12 -20.00 13.94
CA GLY A 204 17.83 -20.15 12.69
C GLY A 204 18.83 -21.29 12.73
N ALA A 205 19.86 -21.18 11.91
CA ALA A 205 20.92 -22.19 11.84
C ALA A 205 22.00 -21.89 12.87
N THR A 206 22.44 -20.63 12.91
CA THR A 206 23.51 -20.22 13.82
C THR A 206 23.03 -19.12 14.76
N MET A 207 21.77 -18.74 14.65
CA MET A 207 21.26 -17.60 15.38
C MET A 207 19.82 -17.80 15.83
N THR A 208 19.54 -17.47 17.09
CA THR A 208 18.19 -17.50 17.62
C THR A 208 17.77 -16.13 18.14
N THR A 209 16.63 -15.64 17.67
CA THR A 209 16.17 -14.30 18.03
C THR A 209 14.81 -14.33 18.72
N LEU A 210 14.74 -13.71 19.90
CA LEU A 210 13.46 -13.55 20.59
C LEU A 210 12.94 -12.14 20.40
N SER A 211 11.70 -12.03 19.93
CA SER A 211 11.06 -10.74 19.76
C SER A 211 9.69 -10.75 20.43
N VAL A 212 9.52 -9.93 21.45
CA VAL A 212 8.22 -9.78 22.09
C VAL A 212 7.42 -8.68 21.40
N LEU A 213 6.23 -9.03 20.94
CA LEU A 213 5.42 -8.10 20.15
C LEU A 213 4.09 -7.78 20.83
N HIS A 214 3.98 -6.55 21.32
CA HIS A 214 2.76 -6.10 21.97
C HIS A 214 2.07 -5.06 21.10
N ASN A 215 0.84 -5.38 20.68
CA ASN A 215 0.03 -4.51 19.83
C ASN A 215 0.67 -4.21 18.46
N GLY A 216 1.62 -5.06 18.06
CA GLY A 216 2.24 -4.92 16.75
C GLY A 216 3.63 -4.34 16.80
N ARG A 217 4.01 -3.79 17.95
CA ARG A 217 5.31 -3.16 18.09
C ARG A 217 6.29 -4.02 18.88
N THR A 218 7.57 -3.97 18.49
CA THR A 218 8.62 -4.72 19.17
C THR A 218 9.05 -4.00 20.45
N ILE A 219 9.09 -4.74 21.56
CA ILE A 219 9.51 -4.16 22.83
C ILE A 219 10.77 -4.84 23.38
N TYR A 220 11.09 -6.01 22.85
CA TYR A 220 12.18 -6.80 23.43
C TYR A 220 12.91 -7.64 22.38
N THR A 221 14.24 -7.63 22.46
CA THR A 221 15.06 -8.43 21.55
C THR A 221 16.30 -8.99 22.24
N ARG A 222 16.43 -10.31 22.19
CA ARG A 222 17.62 -10.98 22.72
C ARG A 222 18.10 -12.05 21.74
N GLU A 223 19.41 -12.19 21.60
CA GLU A 223 19.98 -13.14 20.64
C GLU A 223 20.96 -14.10 21.31
N GLN A 224 21.09 -15.28 20.73
CA GLN A 224 22.02 -16.29 21.23
C GLN A 224 22.69 -17.02 20.06
N LEU A 225 23.87 -17.58 20.32
CA LEU A 225 24.59 -18.34 19.31
C LEU A 225 24.09 -19.78 19.24
N PHE A 226 22.80 -19.95 19.49
CA PHE A 226 22.14 -21.24 19.41
C PHE A 226 21.34 -21.34 18.12
N GLY A 227 21.38 -22.49 17.46
CA GLY A 227 20.68 -22.66 16.20
C GLY A 227 20.49 -24.08 15.73
N GLY A 228 19.93 -24.21 14.53
CA GLY A 228 19.63 -25.50 13.94
C GLY A 228 20.85 -26.21 13.39
N ARG A 229 21.95 -25.49 13.25
CA ARG A 229 23.20 -26.09 12.80
C ARG A 229 23.71 -27.07 13.84
N GLN A 230 23.42 -26.79 15.11
CA GLN A 230 23.76 -27.70 16.21
C GLN A 230 23.17 -29.09 15.95
N LEU A 231 21.96 -29.12 15.39
CA LEU A 231 21.34 -30.38 15.02
C LEU A 231 22.04 -30.99 13.81
N THR A 232 22.34 -30.16 12.81
CA THR A 232 22.98 -30.63 11.58
C THR A 232 24.39 -31.14 11.85
N GLU A 233 25.10 -30.47 12.76
CA GLU A 233 26.46 -30.87 13.11
C GLU A 233 26.48 -32.24 13.77
N GLU A 234 25.48 -32.51 14.60
CA GLU A 234 25.38 -33.81 15.26
C GLU A 234 25.02 -34.92 14.29
N ILE A 235 24.32 -34.56 13.21
CA ILE A 235 23.98 -35.53 12.17
C ILE A 235 25.22 -35.86 11.32
N GLN A 236 26.01 -34.83 11.00
CA GLN A 236 27.25 -35.04 10.27
C GLN A 236 28.18 -36.01 10.97
N ARG A 237 28.48 -35.73 12.23
CA ARG A 237 29.43 -36.50 13.00
C ARG A 237 29.02 -37.96 13.19
N ARG A 238 27.80 -38.18 13.65
CA ARG A 238 27.38 -39.50 14.09
C ARG A 238 27.13 -40.48 12.94
N TYR A 239 26.88 -39.96 11.74
CA TYR A 239 26.52 -40.84 10.62
C TYR A 239 27.38 -40.64 9.38
N GLY A 240 28.41 -39.80 9.50
CA GLY A 240 29.34 -39.59 8.40
C GLY A 240 28.70 -38.95 7.19
N LEU A 241 27.85 -37.96 7.43
CA LEU A 241 27.18 -37.24 6.34
C LEU A 241 27.77 -35.85 6.19
N SER A 242 27.62 -35.26 5.00
CA SER A 242 28.10 -33.91 4.76
C SER A 242 27.08 -32.89 5.25
N VAL A 243 27.45 -31.61 5.23
CA VAL A 243 26.55 -30.54 5.62
C VAL A 243 25.29 -30.59 4.77
N GLU A 244 25.47 -30.83 3.47
CA GLU A 244 24.37 -30.96 2.53
C GLU A 244 23.55 -32.21 2.82
N GLU A 245 24.24 -33.33 3.05
CA GLU A 245 23.57 -34.59 3.35
C GLU A 245 22.79 -34.51 4.67
N ALA A 246 23.42 -33.94 5.69
CA ALA A 246 22.79 -33.81 7.00
C ALA A 246 21.56 -32.93 6.95
N GLY A 247 21.63 -31.86 6.16
CA GLY A 247 20.52 -30.93 6.03
C GLY A 247 19.33 -31.53 5.32
N LEU A 248 19.60 -32.32 4.29
CA LEU A 248 18.53 -32.95 3.51
C LEU A 248 17.82 -34.00 4.35
N ALA A 249 18.60 -34.79 5.09
CA ALA A 249 18.03 -35.83 5.95
C ALA A 249 17.30 -35.23 7.14
N LYS A 250 17.60 -33.97 7.43
CA LYS A 250 16.95 -33.24 8.50
C LYS A 250 15.48 -33.02 8.19
N LYS A 251 15.17 -32.78 6.92
CA LYS A 251 13.81 -32.54 6.48
C LYS A 251 13.16 -33.81 5.92
N GLN A 252 13.86 -34.46 4.98
CA GLN A 252 13.31 -35.63 4.30
C GLN A 252 13.33 -36.88 5.18
N GLY A 253 14.34 -37.01 6.02
CA GLY A 253 14.44 -38.12 6.94
C GLY A 253 15.03 -39.37 6.30
N GLY A 254 14.86 -40.50 6.98
CA GLY A 254 15.35 -41.78 6.47
C GLY A 254 16.62 -42.25 7.15
N LEU A 255 17.03 -41.55 8.19
CA LEU A 255 18.23 -41.91 8.95
C LEU A 255 17.95 -43.11 9.85
N PRO A 256 19.00 -43.84 10.27
CA PRO A 256 18.83 -45.00 11.14
C PRO A 256 18.07 -44.69 12.44
N ASP A 257 17.57 -45.73 13.08
CA ASP A 257 16.57 -45.59 14.15
C ASP A 257 17.06 -44.91 15.42
N ASP A 258 18.37 -44.97 15.70
CA ASP A 258 18.90 -44.40 16.94
C ASP A 258 18.95 -42.88 16.90
N TYR A 259 18.55 -42.30 15.76
CA TYR A 259 18.59 -40.87 15.56
C TYR A 259 17.69 -40.09 16.50
N ASP A 260 16.51 -40.62 16.77
CA ASP A 260 15.52 -39.94 17.59
C ASP A 260 15.95 -39.76 19.05
N SER A 261 16.42 -40.84 19.66
CA SER A 261 16.70 -40.87 21.09
C SER A 261 18.03 -40.24 21.47
N GLU A 262 19.01 -40.31 20.58
CA GLU A 262 20.37 -39.87 20.89
C GLU A 262 20.72 -38.52 20.28
N VAL A 263 19.99 -38.08 19.26
CA VAL A 263 20.34 -36.86 18.55
C VAL A 263 19.19 -35.84 18.52
N LEU A 264 18.01 -36.28 18.10
CA LEU A 264 16.90 -35.36 17.91
C LEU A 264 16.26 -34.92 19.22
N ARG A 265 16.05 -35.86 20.12
CA ARG A 265 15.47 -35.56 21.43
C ARG A 265 16.35 -34.64 22.29
N PRO A 266 17.67 -34.89 22.36
CA PRO A 266 18.49 -33.96 23.14
C PRO A 266 18.50 -32.55 22.57
N PHE A 267 18.40 -32.41 21.25
CA PHE A 267 18.38 -31.09 20.64
C PHE A 267 17.06 -30.39 20.91
N LYS A 268 15.97 -31.14 20.85
CA LYS A 268 14.65 -30.61 21.17
C LYS A 268 14.63 -29.99 22.56
N ASP A 269 15.17 -30.73 23.53
CA ASP A 269 15.28 -30.25 24.90
C ASP A 269 16.20 -29.03 24.98
N ALA A 270 17.24 -29.02 24.15
CA ALA A 270 18.16 -27.90 24.10
C ALA A 270 17.47 -26.66 23.52
N VAL A 271 16.48 -26.88 22.67
CA VAL A 271 15.68 -25.79 22.12
C VAL A 271 14.75 -25.23 23.20
N VAL A 272 14.08 -26.12 23.91
CA VAL A 272 13.16 -25.74 24.97
C VAL A 272 13.87 -24.97 26.08
N GLN A 273 15.05 -25.45 26.46
CA GLN A 273 15.84 -24.80 27.50
C GLN A 273 16.22 -23.38 27.07
N GLN A 274 16.55 -23.22 25.80
CA GLN A 274 16.93 -21.93 25.25
C GLN A 274 15.78 -20.93 25.29
N VAL A 275 14.63 -21.33 24.75
CA VAL A 275 13.44 -20.49 24.74
C VAL A 275 13.02 -20.11 26.16
N SER A 276 13.13 -21.08 27.06
CA SER A 276 12.77 -20.88 28.46
C SER A 276 13.54 -19.73 29.10
N ARG A 277 14.87 -19.75 28.96
CA ARG A 277 15.74 -18.74 29.54
C ARG A 277 15.45 -17.34 28.99
N SER A 278 15.21 -17.28 27.68
CA SER A 278 14.95 -16.01 27.01
C SER A 278 13.68 -15.34 27.53
N LEU A 279 12.63 -16.14 27.71
CA LEU A 279 11.38 -15.63 28.25
C LEU A 279 11.53 -15.21 29.71
N GLN A 280 12.30 -16.01 30.45
CA GLN A 280 12.61 -15.70 31.84
C GLN A 280 13.43 -14.43 31.94
N PHE A 281 14.35 -14.25 31.00
CA PHE A 281 15.13 -13.01 30.91
C PHE A 281 14.20 -11.82 30.68
N PHE A 282 13.20 -12.03 29.84
CA PHE A 282 12.28 -10.97 29.45
C PHE A 282 11.30 -10.60 30.57
N PHE A 283 10.74 -11.60 31.24
CA PHE A 283 9.82 -11.35 32.34
C PHE A 283 10.53 -10.68 33.52
N ALA A 284 11.77 -11.10 33.77
CA ALA A 284 12.56 -10.56 34.87
C ALA A 284 13.30 -9.28 34.48
N ALA A 285 12.95 -8.73 33.32
CA ALA A 285 13.53 -7.47 32.85
C ALA A 285 12.47 -6.38 32.80
N GLY A 286 11.45 -6.59 31.99
CA GLY A 286 10.40 -5.61 31.80
C GLY A 286 9.25 -5.76 32.77
N GLN A 287 8.13 -5.10 32.46
CA GLN A 287 6.97 -5.07 33.33
C GLN A 287 6.10 -6.32 33.17
N PHE A 288 6.23 -6.98 32.03
CA PHE A 288 5.37 -8.12 31.71
C PHE A 288 5.71 -9.36 32.53
N ASN A 289 4.68 -10.06 32.97
CA ASN A 289 4.85 -11.27 33.77
C ASN A 289 4.45 -12.53 33.00
N ASP A 290 3.75 -12.34 31.89
CA ASP A 290 3.31 -13.45 31.05
C ASP A 290 2.98 -12.98 29.65
N VAL A 291 2.95 -13.92 28.70
CA VAL A 291 2.60 -13.61 27.32
C VAL A 291 1.40 -14.44 26.87
N ASP A 292 0.68 -13.94 25.88
CA ASP A 292 -0.50 -14.65 25.37
C ASP A 292 -0.11 -15.79 24.45
N TYR A 293 0.91 -15.57 23.63
CA TYR A 293 1.31 -16.57 22.64
C TYR A 293 2.81 -16.62 22.37
N ILE A 294 3.25 -17.75 21.84
CA ILE A 294 4.61 -17.93 21.35
C ILE A 294 4.57 -18.35 19.89
N VAL A 295 5.17 -17.54 19.01
CA VAL A 295 5.21 -17.89 17.59
C VAL A 295 6.61 -18.35 17.18
N LEU A 296 6.68 -19.59 16.73
CA LEU A 296 7.95 -20.18 16.30
C LEU A 296 8.25 -19.82 14.85
N ALA A 297 9.45 -19.30 14.63
CA ALA A 297 9.89 -18.92 13.28
C ALA A 297 11.28 -19.50 12.99
N GLY A 298 11.69 -19.39 11.73
CA GLY A 298 12.94 -20.01 11.29
C GLY A 298 12.65 -21.42 10.83
N GLY A 299 13.52 -21.95 9.97
CA GLY A 299 13.33 -23.28 9.44
C GLY A 299 13.32 -24.38 10.49
N THR A 300 14.01 -24.12 11.60
CA THR A 300 14.07 -25.09 12.71
C THR A 300 12.69 -25.26 13.36
N ALA A 301 11.82 -24.29 13.14
CA ALA A 301 10.45 -24.38 13.66
C ALA A 301 9.62 -25.39 12.87
N SER A 302 10.21 -25.95 11.82
CA SER A 302 9.52 -26.96 11.00
C SER A 302 9.70 -28.36 11.59
N ILE A 303 10.41 -28.45 12.71
CA ILE A 303 10.59 -29.73 13.40
C ILE A 303 9.25 -30.28 13.84
N GLN A 304 8.97 -31.53 13.46
CA GLN A 304 7.68 -32.16 13.72
C GLN A 304 7.34 -32.22 15.21
N ASP A 305 6.13 -31.73 15.54
CA ASP A 305 5.61 -31.74 16.91
C ASP A 305 6.53 -31.06 17.92
N LEU A 306 7.37 -30.15 17.42
CA LEU A 306 8.23 -29.36 18.28
C LEU A 306 7.39 -28.28 18.96
N ASP A 307 6.38 -27.81 18.25
CA ASP A 307 5.53 -26.72 18.74
C ASP A 307 4.76 -27.12 20.00
N ARG A 308 4.28 -28.35 20.04
CA ARG A 308 3.58 -28.84 21.22
C ARG A 308 4.51 -28.92 22.42
N LEU A 309 5.74 -29.38 22.18
CA LEU A 309 6.72 -29.54 23.25
C LEU A 309 7.03 -28.22 23.94
N ILE A 310 7.33 -27.20 23.14
CA ILE A 310 7.58 -25.86 23.67
C ILE A 310 6.32 -25.33 24.37
N GLN A 311 5.17 -25.62 23.79
CA GLN A 311 3.88 -25.20 24.35
C GLN A 311 3.61 -25.88 25.69
N GLN A 312 3.91 -27.17 25.78
CA GLN A 312 3.69 -27.94 27.00
C GLN A 312 4.68 -27.58 28.10
N LYS A 313 5.96 -27.48 27.73
CA LYS A 313 7.03 -27.26 28.69
C LYS A 313 7.05 -25.84 29.25
N ILE A 314 6.50 -24.89 28.50
CA ILE A 314 6.47 -23.50 28.94
C ILE A 314 5.11 -23.15 29.55
N GLY A 315 4.05 -23.75 29.02
CA GLY A 315 2.71 -23.52 29.53
C GLY A 315 2.02 -22.36 28.85
N THR A 316 2.56 -21.95 27.71
CA THR A 316 2.00 -20.87 26.92
C THR A 316 1.64 -21.37 25.53
N PRO A 317 0.43 -21.03 25.04
CA PRO A 317 -0.01 -21.35 23.69
C PRO A 317 1.03 -21.02 22.62
N THR A 318 1.34 -21.99 21.76
CA THR A 318 2.42 -21.84 20.79
C THR A 318 1.98 -22.24 19.37
N LEU A 319 2.47 -21.50 18.38
CA LEU A 319 2.16 -21.73 16.98
C LEU A 319 3.40 -21.61 16.10
N VAL A 320 3.47 -22.43 15.05
CA VAL A 320 4.53 -22.31 14.05
C VAL A 320 4.13 -21.30 12.98
N ALA A 321 4.99 -20.32 12.74
CA ALA A 321 4.68 -19.20 11.83
C ALA A 321 4.41 -19.66 10.40
N ASN A 322 3.33 -19.14 9.84
CA ASN A 322 2.99 -19.37 8.44
C ASN A 322 2.29 -18.15 7.84
N PRO A 323 3.06 -17.24 7.23
CA PRO A 323 2.52 -15.99 6.69
C PRO A 323 1.77 -16.16 5.37
N PHE A 324 1.77 -17.36 4.81
CA PHE A 324 1.12 -17.60 3.52
C PHE A 324 -0.16 -18.41 3.65
N ALA A 325 -0.77 -18.38 4.83
CA ALA A 325 -1.97 -19.17 5.10
C ALA A 325 -3.16 -18.72 4.26
N ASP A 326 -3.45 -17.42 4.29
CA ASP A 326 -4.59 -16.88 3.58
C ASP A 326 -4.22 -16.42 2.18
N MET A 327 -2.92 -16.40 1.89
CA MET A 327 -2.44 -15.94 0.60
C MET A 327 -2.81 -16.88 -0.55
N ALA A 328 -3.01 -16.31 -1.73
CA ALA A 328 -3.18 -17.11 -2.94
C ALA A 328 -1.81 -17.41 -3.54
N LEU A 329 -1.73 -18.43 -4.38
CA LEU A 329 -0.46 -18.84 -4.94
C LEU A 329 -0.44 -18.83 -6.46
N ASN A 330 0.64 -18.31 -7.03
CA ASN A 330 0.89 -18.42 -8.46
C ASN A 330 1.05 -19.90 -8.83
N GLY A 331 0.63 -20.25 -10.04
CA GLY A 331 0.72 -21.63 -10.49
C GLY A 331 2.14 -22.13 -10.58
N LYS A 332 3.07 -21.22 -10.82
CA LYS A 332 4.48 -21.59 -10.95
C LYS A 332 5.16 -21.68 -9.58
N VAL A 333 4.38 -21.45 -8.53
CA VAL A 333 4.89 -21.56 -7.17
C VAL A 333 4.52 -22.92 -6.57
N ASN A 334 5.54 -23.66 -6.17
CA ASN A 334 5.34 -24.96 -5.54
C ASN A 334 4.65 -24.82 -4.19
N ALA A 335 3.40 -25.26 -4.12
CA ALA A 335 2.61 -25.11 -2.92
C ALA A 335 3.13 -25.99 -1.78
N GLY A 336 3.72 -27.13 -2.14
CA GLY A 336 4.25 -28.06 -1.16
C GLY A 336 5.57 -27.60 -0.58
N ALA A 337 6.45 -27.09 -1.43
CA ALA A 337 7.77 -26.65 -1.00
C ALA A 337 7.67 -25.39 -0.14
N LEU A 338 6.78 -24.48 -0.54
CA LEU A 338 6.56 -23.24 0.20
C LEU A 338 6.13 -23.53 1.63
N ALA A 339 5.26 -24.52 1.81
CA ALA A 339 4.77 -24.91 3.12
C ALA A 339 5.92 -25.31 4.04
N SER A 340 6.88 -26.05 3.50
CA SER A 340 8.01 -26.53 4.27
C SER A 340 9.02 -25.43 4.55
N ASP A 341 8.96 -24.37 3.76
CA ASP A 341 9.86 -23.22 3.93
C ASP A 341 9.12 -22.01 4.48
N ALA A 342 7.84 -22.19 4.78
CA ALA A 342 6.99 -21.11 5.26
C ALA A 342 7.51 -20.37 6.51
N PRO A 343 7.90 -21.11 7.57
CA PRO A 343 8.29 -20.35 8.77
C PRO A 343 9.64 -19.64 8.63
N ALA A 344 10.41 -19.98 7.61
CA ALA A 344 11.73 -19.40 7.41
C ALA A 344 11.67 -18.11 6.59
N LEU A 345 10.48 -17.77 6.11
CA LEU A 345 10.31 -16.64 5.21
C LEU A 345 9.61 -15.45 5.87
N MET A 346 9.63 -15.41 7.20
CA MET A 346 9.01 -14.30 7.93
C MET A 346 9.69 -12.97 7.60
N ILE A 347 11.02 -12.98 7.60
CA ILE A 347 11.80 -11.78 7.31
C ILE A 347 11.69 -11.38 5.84
N ALA A 348 11.77 -12.37 4.96
CA ALA A 348 11.70 -12.13 3.52
C ALA A 348 10.32 -11.62 3.11
N CYS A 349 9.29 -12.07 3.83
CA CYS A 349 7.93 -11.64 3.54
C CYS A 349 7.72 -10.18 3.94
N GLY A 350 8.19 -9.84 5.13
CA GLY A 350 8.07 -8.49 5.64
C GLY A 350 8.79 -7.46 4.78
N LEU A 351 9.83 -7.91 4.08
CA LEU A 351 10.55 -7.05 3.15
C LEU A 351 9.71 -6.80 1.91
N ALA A 352 8.93 -7.80 1.52
CA ALA A 352 8.03 -7.67 0.37
C ALA A 352 6.75 -6.94 0.78
N LEU A 353 6.38 -7.08 2.05
CA LEU A 353 5.18 -6.43 2.58
C LEU A 353 5.39 -4.92 2.77
N ARG A 354 6.60 -4.46 2.50
CA ARG A 354 6.94 -3.05 2.64
C ARG A 354 6.14 -2.18 1.66
N SER A 355 5.74 -2.77 0.54
CA SER A 355 5.07 -2.04 -0.52
C SER A 355 3.59 -1.77 -0.25
N PHE A 356 3.00 -2.54 0.66
CA PHE A 356 1.55 -2.53 0.82
C PHE A 356 1.09 -1.87 2.13
N ASP A 357 2.00 -1.16 2.79
CA ASP A 357 1.65 -0.52 4.06
C ASP A 357 1.44 0.98 3.87
N SER B 2 22.09 8.97 1.02
CA SER B 2 20.98 9.17 0.08
C SER B 2 19.70 8.50 0.59
N HIS B 3 18.68 8.46 -0.26
CA HIS B 3 17.36 7.96 0.13
C HIS B 3 17.20 6.46 -0.13
N MET B 4 18.27 5.70 0.08
CA MET B 4 18.17 4.25 0.07
C MET B 4 17.77 3.78 1.46
N LEU B 5 17.91 4.68 2.43
CA LEU B 5 17.72 4.37 3.84
C LEU B 5 16.24 4.25 4.22
N GLY B 6 15.94 3.23 5.02
CA GLY B 6 14.61 3.05 5.58
C GLY B 6 14.71 2.65 7.04
N LEU B 7 15.74 3.17 7.70
CA LEU B 7 16.04 2.82 9.09
C LEU B 7 14.93 3.22 10.04
N ILE B 8 14.12 4.20 9.63
CA ILE B 8 12.95 4.60 10.41
C ILE B 8 11.67 4.15 9.68
N LYS B 9 10.81 3.43 10.39
CA LYS B 9 9.64 2.81 9.78
C LYS B 9 8.52 3.79 9.44
N LYS B 10 8.52 4.94 10.11
CA LYS B 10 7.42 5.90 9.98
C LYS B 10 7.24 6.42 8.56
N ASN B 13 3.51 8.77 3.10
CA ASN B 13 2.72 9.83 3.71
C ASN B 13 1.33 9.94 3.05
N THR B 14 0.32 10.16 3.88
CA THR B 14 -1.05 10.22 3.40
C THR B 14 -1.46 11.62 2.94
N LEU B 15 -2.32 11.66 1.94
CA LEU B 15 -2.82 12.93 1.41
C LEU B 15 -4.34 12.98 1.45
N LEU B 16 -4.90 14.19 1.50
CA LEU B 16 -6.34 14.36 1.46
C LEU B 16 -6.89 14.12 0.07
N GLY B 17 -8.01 13.42 -0.01
CA GLY B 17 -8.67 13.21 -1.29
C GLY B 17 -9.74 14.26 -1.47
N ILE B 18 -9.44 15.28 -2.27
CA ILE B 18 -10.37 16.40 -2.47
C ILE B 18 -10.99 16.37 -3.87
N ASP B 19 -12.29 16.10 -3.92
CA ASP B 19 -13.03 16.12 -5.17
C ASP B 19 -13.86 17.40 -5.29
N ILE B 20 -13.41 18.31 -6.14
CA ILE B 20 -14.16 19.53 -6.40
C ILE B 20 -15.16 19.33 -7.53
N SER B 21 -16.44 19.27 -7.18
CA SER B 21 -17.49 19.10 -8.17
C SER B 21 -18.25 20.40 -8.40
N SER B 22 -19.41 20.31 -9.03
CA SER B 22 -20.20 21.49 -9.36
C SER B 22 -21.08 21.92 -8.20
N THR B 23 -21.44 20.98 -7.34
CA THR B 23 -22.39 21.24 -6.26
C THR B 23 -21.78 21.06 -4.87
N SER B 24 -20.60 20.47 -4.81
CA SER B 24 -20.00 20.19 -3.50
C SER B 24 -18.48 20.02 -3.54
N VAL B 25 -17.87 20.12 -2.37
CA VAL B 25 -16.46 19.79 -2.18
C VAL B 25 -16.38 18.62 -1.19
N LYS B 26 -15.77 17.53 -1.61
CA LYS B 26 -15.71 16.33 -0.79
C LYS B 26 -14.28 16.02 -0.35
N LEU B 27 -14.13 15.75 0.94
CA LEU B 27 -12.81 15.44 1.50
C LEU B 27 -12.80 14.06 2.12
N LEU B 28 -11.71 13.32 1.91
CA LEU B 28 -11.55 12.00 2.50
C LEU B 28 -10.11 11.73 2.89
N GLU B 29 -9.91 11.27 4.12
CA GLU B 29 -8.58 10.90 4.60
C GLU B 29 -8.49 9.40 4.86
N LEU B 30 -7.47 8.77 4.31
CA LEU B 30 -7.26 7.34 4.49
C LEU B 30 -5.94 7.03 5.17
N SER B 31 -5.87 5.90 5.85
CA SER B 31 -4.61 5.38 6.36
C SER B 31 -4.47 3.93 5.94
N ARG B 32 -3.29 3.35 6.12
CA ARG B 32 -3.02 2.01 5.62
C ARG B 32 -2.19 1.18 6.60
N SER B 33 -2.49 -0.11 6.68
CA SER B 33 -1.75 -1.03 7.53
C SER B 33 -1.33 -2.27 6.76
N ARG B 36 -4.87 -3.40 5.13
CA ARG B 36 -6.16 -2.93 5.62
C ARG B 36 -6.24 -1.41 5.65
N TYR B 37 -7.33 -0.87 5.14
CA TYR B 37 -7.51 0.58 5.07
C TYR B 37 -8.34 1.10 6.25
N LYS B 38 -8.25 2.40 6.49
CA LYS B 38 -9.01 3.03 7.56
C LYS B 38 -9.38 4.47 7.20
N VAL B 39 -10.64 4.82 7.44
CA VAL B 39 -11.13 6.17 7.18
C VAL B 39 -10.89 7.06 8.40
N GLU B 40 -9.89 7.94 8.30
CA GLU B 40 -9.55 8.81 9.41
C GLU B 40 -10.55 9.96 9.54
N ALA B 41 -10.97 10.51 8.40
CA ALA B 41 -11.97 11.56 8.41
C ALA B 41 -12.64 11.77 7.04
N TYR B 42 -13.82 12.39 7.07
CA TYR B 42 -14.57 12.71 5.87
C TYR B 42 -15.48 13.90 6.12
N ALA B 43 -15.69 14.71 5.07
CA ALA B 43 -16.64 15.81 5.13
C ALA B 43 -17.09 16.24 3.73
N VAL B 44 -18.31 16.74 3.64
CA VAL B 44 -18.85 17.28 2.40
C VAL B 44 -19.41 18.67 2.63
N GLU B 45 -18.92 19.63 1.85
CA GLU B 45 -19.39 21.02 1.97
C GLU B 45 -20.04 21.49 0.67
N PRO B 46 -21.29 21.94 0.75
CA PRO B 46 -22.03 22.46 -0.41
C PRO B 46 -21.35 23.69 -1.02
N LEU B 47 -21.45 23.83 -2.34
CA LEU B 47 -20.88 24.97 -3.04
C LEU B 47 -21.96 25.98 -3.41
N PRO B 48 -21.59 27.27 -3.46
CA PRO B 48 -22.49 28.26 -4.04
C PRO B 48 -22.75 27.93 -5.51
N PRO B 49 -23.94 28.25 -6.02
CA PRO B 49 -24.25 27.97 -7.42
C PRO B 49 -23.32 28.72 -8.37
N ASN B 50 -23.05 28.12 -9.54
CA ASN B 50 -22.20 28.71 -10.56
C ASN B 50 -20.76 28.96 -10.12
N ALA B 51 -20.39 28.37 -8.98
CA ALA B 51 -19.01 28.46 -8.51
C ALA B 51 -18.12 27.53 -9.33
N VAL B 52 -18.67 26.37 -9.69
CA VAL B 52 -17.97 25.43 -10.55
C VAL B 52 -18.88 24.98 -11.69
N VAL B 53 -18.73 25.61 -12.84
CA VAL B 53 -19.52 25.26 -14.02
C VAL B 53 -18.80 24.19 -14.82
N GLU B 54 -19.55 23.21 -15.32
CA GLU B 54 -18.99 22.01 -15.94
C GLU B 54 -18.03 21.34 -14.97
N LYS B 55 -16.78 21.16 -15.41
CA LYS B 55 -15.73 20.65 -14.54
C LYS B 55 -14.67 21.71 -14.33
N ASN B 56 -15.07 22.97 -14.43
CA ASN B 56 -14.15 24.09 -14.30
C ASN B 56 -14.55 25.08 -13.22
N ILE B 57 -13.58 25.47 -12.40
CA ILE B 57 -13.79 26.46 -11.35
C ILE B 57 -13.84 27.86 -11.94
N VAL B 58 -14.90 28.60 -11.63
CA VAL B 58 -15.07 29.95 -12.16
C VAL B 58 -14.94 31.02 -11.07
N GLU B 59 -15.74 30.89 -10.01
CA GLU B 59 -15.66 31.81 -8.88
C GLU B 59 -14.57 31.35 -7.91
N LEU B 60 -13.39 31.94 -8.05
CA LEU B 60 -12.18 31.46 -7.37
C LEU B 60 -12.26 31.54 -5.84
N GLU B 61 -12.69 32.69 -5.33
CA GLU B 61 -12.71 32.92 -3.89
C GLU B 61 -13.83 32.13 -3.19
N GLY B 62 -14.91 31.89 -3.93
CA GLY B 62 -16.05 31.17 -3.38
C GLY B 62 -15.74 29.71 -3.09
N VAL B 63 -15.00 29.08 -4.01
CA VAL B 63 -14.59 27.69 -3.84
C VAL B 63 -13.62 27.57 -2.66
N GLY B 64 -12.75 28.56 -2.53
CA GLY B 64 -11.77 28.59 -1.46
C GLY B 64 -12.40 28.59 -0.08
N GLN B 65 -13.42 29.42 0.10
CA GLN B 65 -14.14 29.50 1.36
C GLN B 65 -14.82 28.17 1.67
N ALA B 66 -15.47 27.61 0.67
CA ALA B 66 -16.15 26.32 0.82
C ALA B 66 -15.13 25.21 1.10
N LEU B 67 -13.97 25.32 0.47
CA LEU B 67 -12.87 24.41 0.74
C LEU B 67 -12.40 24.57 2.18
N SER B 68 -12.38 25.80 2.66
CA SER B 68 -11.97 26.09 4.03
C SER B 68 -12.97 25.50 5.04
N ARG B 69 -14.25 25.53 4.67
CA ARG B 69 -15.32 25.06 5.54
C ARG B 69 -15.40 23.54 5.60
N VAL B 70 -14.88 22.85 4.59
CA VAL B 70 -14.94 21.40 4.59
C VAL B 70 -13.82 20.83 5.45
N LEU B 71 -12.82 21.67 5.73
CA LEU B 71 -11.68 21.27 6.55
C LEU B 71 -12.08 21.24 8.02
N VAL B 72 -12.78 22.27 8.47
CA VAL B 72 -13.22 22.35 9.86
C VAL B 72 -14.27 21.28 10.14
N LYS B 73 -15.13 21.02 9.16
CA LYS B 73 -16.15 19.98 9.31
C LYS B 73 -15.50 18.60 9.41
N ALA B 74 -14.42 18.40 8.65
CA ALA B 74 -13.67 17.15 8.70
C ALA B 74 -12.77 17.12 9.94
N LYS B 75 -12.28 18.29 10.31
CA LYS B 75 -11.40 18.46 11.47
C LYS B 75 -10.13 17.63 11.36
N THR B 76 -9.25 18.01 10.44
CA THR B 76 -8.01 17.29 10.22
C THR B 76 -6.79 18.21 10.20
N ASN B 77 -5.62 17.63 10.45
CA ASN B 77 -4.37 18.38 10.48
C ASN B 77 -3.60 18.30 9.17
N LEU B 78 -3.99 17.36 8.32
CA LEU B 78 -3.35 17.20 7.02
C LEU B 78 -3.60 18.43 6.14
N LYS B 79 -2.59 18.82 5.36
CA LYS B 79 -2.66 20.05 4.59
C LYS B 79 -2.28 19.86 3.12
N SER B 80 -1.94 18.64 2.74
CA SER B 80 -1.64 18.32 1.34
C SER B 80 -2.72 17.41 0.77
N ALA B 81 -3.04 17.58 -0.50
CA ALA B 81 -4.17 16.87 -1.08
C ALA B 81 -3.99 16.47 -2.55
N VAL B 82 -4.78 15.48 -2.97
CA VAL B 82 -4.83 15.04 -4.35
C VAL B 82 -6.13 15.52 -4.99
N VAL B 83 -6.01 16.35 -6.03
CA VAL B 83 -7.18 16.85 -6.74
C VAL B 83 -7.19 16.32 -8.17
N ALA B 84 -8.36 16.36 -8.81
CA ALA B 84 -8.53 15.72 -10.11
C ALA B 84 -9.11 16.65 -11.17
N VAL B 85 -8.61 16.49 -12.40
CA VAL B 85 -9.19 17.15 -13.57
C VAL B 85 -9.95 16.13 -14.38
N ALA B 86 -10.79 16.60 -15.31
CA ALA B 86 -11.54 15.71 -16.17
C ALA B 86 -10.63 15.10 -17.23
N GLY B 87 -10.98 13.88 -17.66
CA GLY B 87 -10.21 13.20 -18.69
C GLY B 87 -10.30 13.90 -20.04
N SER B 88 -11.36 14.70 -20.19
CA SER B 88 -11.58 15.45 -21.43
C SER B 88 -10.54 16.54 -21.62
N ALA B 89 -9.82 16.87 -20.55
CA ALA B 89 -8.80 17.91 -20.61
C ALA B 89 -7.42 17.32 -20.86
N VAL B 90 -7.31 15.99 -20.78
CA VAL B 90 -6.03 15.32 -20.91
C VAL B 90 -5.88 14.59 -22.26
N ILE B 91 -4.75 14.83 -22.92
CA ILE B 91 -4.42 14.14 -24.15
C ILE B 91 -3.34 13.10 -23.89
N THR B 92 -3.61 11.84 -24.23
CA THR B 92 -2.65 10.77 -24.00
C THR B 92 -2.19 10.14 -25.30
N LYS B 93 -0.87 10.10 -25.49
CA LYS B 93 -0.28 9.52 -26.69
C LYS B 93 1.15 9.03 -26.42
N THR B 94 1.61 8.08 -27.23
CA THR B 94 2.97 7.54 -27.08
C THR B 94 3.84 7.93 -28.26
N ILE B 95 4.89 8.69 -27.98
CA ILE B 95 5.79 9.17 -29.03
C ILE B 95 7.18 8.55 -28.90
N GLU B 96 8.01 8.78 -29.91
CA GLU B 96 9.40 8.31 -29.88
C GLU B 96 10.38 9.45 -29.65
N MET B 97 11.25 9.27 -28.66
CA MET B 97 12.28 10.24 -28.36
C MET B 97 13.64 9.56 -28.36
N GLU B 98 14.71 10.36 -28.37
CA GLU B 98 16.07 9.82 -28.37
C GLU B 98 16.35 9.03 -27.10
N ALA B 99 17.08 7.93 -27.24
CA ALA B 99 17.44 7.08 -26.12
C ALA B 99 18.72 7.57 -25.45
N GLY B 100 18.92 7.17 -24.21
CA GLY B 100 20.12 7.56 -23.47
C GLY B 100 19.98 8.92 -22.81
N LEU B 101 18.76 9.46 -22.79
CA LEU B 101 18.51 10.73 -22.14
C LEU B 101 17.93 10.51 -20.75
N SER B 102 18.42 11.27 -19.77
CA SER B 102 17.90 11.20 -18.42
C SER B 102 16.49 11.78 -18.36
N GLU B 103 15.76 11.46 -17.29
CA GLU B 103 14.42 11.97 -17.10
C GLU B 103 14.41 13.49 -17.01
N ASP B 104 15.50 14.06 -16.51
CA ASP B 104 15.65 15.51 -16.40
C ASP B 104 15.86 16.13 -17.78
N GLU B 105 16.59 15.43 -18.64
CA GLU B 105 16.83 15.89 -20.00
C GLU B 105 15.57 15.82 -20.85
N LEU B 106 14.82 14.73 -20.68
CA LEU B 106 13.55 14.57 -21.37
C LEU B 106 12.56 15.64 -20.95
N GLU B 107 12.48 15.87 -19.63
CA GLU B 107 11.59 16.87 -19.07
C GLU B 107 11.88 18.24 -19.64
N ASN B 108 13.17 18.56 -19.77
CA ASN B 108 13.60 19.84 -20.32
C ASN B 108 13.22 19.96 -21.80
N GLN B 109 13.56 18.94 -22.57
CA GLN B 109 13.22 18.92 -23.99
C GLN B 109 11.71 18.99 -24.18
N LEU B 110 10.99 18.31 -23.30
CA LEU B 110 9.53 18.33 -23.34
C LEU B 110 8.98 19.71 -23.01
N LYS B 111 9.73 20.49 -22.23
CA LYS B 111 9.32 21.87 -21.98
C LYS B 111 9.58 22.71 -23.23
N ILE B 112 10.55 22.30 -24.02
CA ILE B 112 10.92 23.03 -25.22
C ILE B 112 10.13 22.59 -26.45
N GLU B 113 9.97 21.28 -26.64
CA GLU B 113 9.40 20.75 -27.88
C GLU B 113 8.02 20.11 -27.76
N ALA B 114 7.28 20.42 -26.68
CA ALA B 114 5.97 19.79 -26.46
C ALA B 114 4.95 20.19 -27.51
N ASP B 115 5.03 21.43 -27.98
CA ASP B 115 4.09 21.98 -28.94
C ASP B 115 3.97 21.14 -30.20
N GLN B 116 5.05 20.44 -30.53
CA GLN B 116 5.12 19.60 -31.72
C GLN B 116 4.32 18.31 -31.55
N TYR B 117 4.25 17.81 -30.31
CA TYR B 117 3.54 16.58 -30.04
C TYR B 117 2.13 16.83 -29.51
N ILE B 118 1.94 17.96 -28.85
CA ILE B 118 0.66 18.28 -28.21
C ILE B 118 -0.01 19.49 -28.87
N PRO B 119 -1.32 19.36 -29.16
CA PRO B 119 -2.12 20.42 -29.81
C PRO B 119 -2.15 21.76 -29.08
N TYR B 120 -2.01 21.76 -27.75
CA TYR B 120 -2.03 23.02 -26.99
C TYR B 120 -0.83 23.88 -27.35
N PRO B 121 -1.00 25.21 -27.31
CA PRO B 121 0.14 26.11 -27.55
C PRO B 121 1.20 25.95 -26.45
N LEU B 122 2.47 26.08 -26.78
CA LEU B 122 3.49 25.62 -25.88
C LEU B 122 3.37 26.32 -24.55
N GLU B 123 3.01 27.58 -24.56
CA GLU B 123 3.07 28.34 -23.34
C GLU B 123 2.22 27.67 -22.30
N GLU B 124 1.09 27.13 -22.75
CA GLU B 124 -0.01 26.72 -21.89
C GLU B 124 -0.05 25.21 -21.62
N VAL B 125 1.07 24.52 -21.87
CA VAL B 125 1.09 23.07 -21.72
C VAL B 125 1.66 22.61 -20.37
N ALA B 126 0.84 21.86 -19.64
CA ALA B 126 1.33 21.14 -18.48
C ALA B 126 1.46 19.67 -18.87
N ILE B 127 2.70 19.22 -19.05
CA ILE B 127 2.94 17.88 -19.58
C ILE B 127 3.50 16.92 -18.53
N ASP B 128 3.08 15.66 -18.63
CA ASP B 128 3.59 14.60 -17.79
C ASP B 128 4.05 13.45 -18.70
N PHE B 129 5.11 12.76 -18.31
CA PHE B 129 5.64 11.71 -19.17
C PHE B 129 6.09 10.49 -18.38
N GLU B 130 6.28 9.38 -19.10
CA GLU B 130 6.78 8.14 -18.51
C GLU B 130 7.46 7.31 -19.58
N VAL B 131 8.75 7.05 -19.40
CA VAL B 131 9.48 6.18 -20.31
C VAL B 131 8.95 4.76 -20.19
N GLN B 132 8.37 4.24 -21.27
CA GLN B 132 7.87 2.88 -21.29
C GLN B 132 9.04 1.91 -21.43
N GLY B 133 9.98 2.25 -22.31
CA GLY B 133 11.15 1.42 -22.53
C GLY B 133 11.71 1.63 -23.92
N LEU B 134 12.77 0.89 -24.23
CA LEU B 134 13.39 0.96 -25.55
C LEU B 134 12.42 0.51 -26.63
N SER B 135 12.44 1.23 -27.75
CA SER B 135 11.62 0.84 -28.89
C SER B 135 12.12 -0.49 -29.44
N ALA B 136 11.19 -1.39 -29.75
CA ALA B 136 11.54 -2.71 -30.26
C ALA B 136 12.25 -2.60 -31.60
N ARG B 137 11.79 -1.69 -32.43
CA ARG B 137 12.33 -1.51 -33.76
C ARG B 137 13.76 -0.96 -33.73
N ASN B 138 13.94 0.17 -33.04
CA ASN B 138 15.22 0.86 -33.05
C ASN B 138 15.73 1.19 -31.64
N PRO B 139 16.88 0.62 -31.28
CA PRO B 139 17.54 0.90 -29.98
C PRO B 139 17.97 2.37 -29.84
N GLU B 140 17.85 3.14 -30.91
CA GLU B 140 18.16 4.57 -30.85
C GLU B 140 17.02 5.37 -30.23
N ARG B 141 15.83 4.79 -30.23
CA ARG B 141 14.63 5.50 -29.78
C ARG B 141 13.96 4.80 -28.62
N VAL B 142 13.37 5.59 -27.73
CA VAL B 142 12.55 5.06 -26.65
C VAL B 142 11.09 5.45 -26.84
N ASP B 143 10.18 4.62 -26.32
CA ASP B 143 8.77 4.96 -26.36
C ASP B 143 8.39 5.74 -25.11
N VAL B 144 7.91 6.96 -25.30
CA VAL B 144 7.56 7.83 -24.18
C VAL B 144 6.07 8.12 -24.13
N LEU B 145 5.43 7.71 -23.04
CA LEU B 145 4.02 8.00 -22.84
C LEU B 145 3.85 9.45 -22.43
N LEU B 146 2.88 10.12 -23.03
CA LEU B 146 2.63 11.53 -22.73
C LEU B 146 1.20 11.77 -22.28
N ALA B 147 1.05 12.55 -21.21
CA ALA B 147 -0.26 12.99 -20.75
C ALA B 147 -0.19 14.48 -20.41
N ALA B 148 -0.96 15.28 -21.13
CA ALA B 148 -0.88 16.73 -20.99
C ALA B 148 -2.24 17.40 -20.92
N CYS B 149 -2.29 18.52 -20.20
CA CYS B 149 -3.48 19.35 -20.13
C CYS B 149 -3.05 20.80 -20.02
N ARG B 150 -3.99 21.72 -20.22
CA ARG B 150 -3.68 23.14 -20.13
C ARG B 150 -3.33 23.51 -18.69
N LYS B 151 -2.29 24.34 -18.54
CA LYS B 151 -1.84 24.77 -17.22
C LYS B 151 -2.94 25.47 -16.45
N GLU B 152 -3.93 25.99 -17.18
CA GLU B 152 -5.11 26.60 -16.59
C GLU B 152 -5.81 25.63 -15.65
N ASN B 153 -6.00 24.40 -16.11
CA ASN B 153 -6.66 23.36 -15.32
C ASN B 153 -5.93 23.06 -14.02
N VAL B 154 -4.61 23.19 -14.06
CA VAL B 154 -3.77 22.89 -12.90
C VAL B 154 -3.67 24.09 -11.95
N GLU B 155 -3.37 25.25 -12.51
CA GLU B 155 -3.13 26.46 -11.74
C GLU B 155 -4.34 26.93 -10.95
N VAL B 156 -5.52 26.86 -11.57
CA VAL B 156 -6.75 27.32 -10.92
C VAL B 156 -7.08 26.44 -9.71
N ARG B 157 -6.75 25.16 -9.79
CA ARG B 157 -6.96 24.24 -8.68
C ARG B 157 -5.89 24.43 -7.64
N GLU B 158 -4.70 24.82 -8.09
CA GLU B 158 -3.60 25.12 -7.17
C GLU B 158 -3.90 26.37 -6.36
N ALA B 159 -4.44 27.38 -7.03
CA ALA B 159 -4.80 28.63 -6.38
C ALA B 159 -6.01 28.45 -5.46
N ALA B 160 -6.98 27.66 -5.91
CA ALA B 160 -8.19 27.41 -5.14
C ALA B 160 -7.87 26.68 -3.85
N LEU B 161 -6.92 25.75 -3.91
CA LEU B 161 -6.48 25.03 -2.72
C LEU B 161 -5.67 25.96 -1.82
N ALA B 162 -5.02 26.94 -2.41
CA ALA B 162 -4.19 27.87 -1.66
C ALA B 162 -5.01 28.76 -0.75
N LEU B 163 -6.24 29.05 -1.15
CA LEU B 163 -7.12 29.93 -0.38
C LEU B 163 -7.57 29.28 0.93
N ALA B 164 -7.39 27.96 1.03
CA ALA B 164 -7.74 27.24 2.24
C ALA B 164 -6.49 26.79 2.99
N GLY B 165 -5.33 27.24 2.52
CA GLY B 165 -4.06 26.88 3.12
C GLY B 165 -3.63 25.49 2.73
N LEU B 166 -4.28 24.95 1.70
CA LEU B 166 -3.98 23.61 1.22
C LEU B 166 -3.02 23.63 0.04
N THR B 167 -2.32 22.53 -0.18
CA THR B 167 -1.38 22.43 -1.29
C THR B 167 -1.67 21.19 -2.14
N ALA B 168 -1.67 21.38 -3.45
CA ALA B 168 -1.95 20.29 -4.38
C ALA B 168 -0.70 19.42 -4.60
N LYS B 169 -0.59 18.35 -3.81
CA LYS B 169 0.55 17.44 -3.92
C LYS B 169 0.48 16.65 -5.22
N VAL B 170 -0.73 16.27 -5.62
CA VAL B 170 -0.94 15.49 -6.84
C VAL B 170 -2.12 16.02 -7.65
N VAL B 171 -1.89 16.24 -8.94
CA VAL B 171 -2.97 16.57 -9.86
C VAL B 171 -3.33 15.34 -10.69
N ASP B 172 -4.38 14.63 -10.26
CA ASP B 172 -4.76 13.36 -10.87
C ASP B 172 -5.84 13.56 -11.93
N VAL B 173 -6.17 12.47 -12.63
CA VAL B 173 -7.25 12.48 -13.60
C VAL B 173 -8.39 11.62 -13.08
N GLU B 174 -9.62 12.12 -13.22
CA GLU B 174 -10.80 11.54 -12.57
C GLU B 174 -11.06 10.08 -12.97
N ALA B 175 -10.91 9.76 -14.24
CA ALA B 175 -11.16 8.41 -14.73
C ALA B 175 -10.25 7.38 -14.07
N TYR B 176 -9.04 7.82 -13.72
CA TYR B 176 -8.05 6.94 -13.09
C TYR B 176 -8.37 6.74 -11.62
N ALA B 177 -8.86 7.79 -10.97
CA ALA B 177 -9.22 7.74 -9.56
C ALA B 177 -10.43 6.83 -9.34
N LEU B 178 -11.35 6.81 -10.31
CA LEU B 178 -12.51 5.93 -10.22
C LEU B 178 -12.07 4.47 -10.23
N GLU B 179 -11.10 4.16 -11.08
CA GLU B 179 -10.59 2.79 -11.19
C GLU B 179 -9.98 2.29 -9.89
N ARG B 180 -9.28 3.20 -9.20
CA ARG B 180 -8.63 2.84 -7.93
C ARG B 180 -9.64 2.49 -6.85
N SER B 181 -10.67 3.31 -6.71
CA SER B 181 -11.70 3.07 -5.70
C SER B 181 -12.61 1.93 -6.11
N TYR B 182 -12.77 1.74 -7.42
CA TYR B 182 -13.59 0.65 -7.93
C TYR B 182 -12.99 -0.71 -7.61
N ALA B 183 -11.66 -0.75 -7.50
CA ALA B 183 -10.96 -1.99 -7.19
C ALA B 183 -11.25 -2.47 -5.77
N LEU B 184 -11.69 -1.54 -4.92
CA LEU B 184 -12.04 -1.88 -3.54
C LEU B 184 -13.39 -2.58 -3.47
N LEU B 185 -14.11 -2.59 -4.59
CA LEU B 185 -15.43 -3.19 -4.65
C LEU B 185 -15.36 -4.68 -4.95
N SER B 186 -14.14 -5.19 -5.10
CA SER B 186 -13.91 -6.58 -5.48
C SER B 186 -14.60 -7.56 -4.54
N SER B 187 -14.53 -7.28 -3.24
CA SER B 187 -15.16 -8.12 -2.23
C SER B 187 -16.65 -8.25 -2.46
N GLN B 188 -17.30 -7.11 -2.72
CA GLN B 188 -18.74 -7.04 -2.83
C GLN B 188 -19.28 -7.72 -4.09
N LEU B 189 -18.45 -7.80 -5.12
CA LEU B 189 -18.87 -8.42 -6.37
C LEU B 189 -18.61 -9.93 -6.36
N GLY B 190 -17.84 -10.42 -5.41
CA GLY B 190 -17.58 -11.84 -5.33
C GLY B 190 -16.44 -12.34 -6.18
N ALA B 191 -15.80 -11.46 -6.93
CA ALA B 191 -14.58 -11.82 -7.62
C ALA B 191 -13.75 -10.58 -7.87
N ASP B 192 -12.45 -10.73 -7.99
CA ASP B 192 -11.59 -9.58 -8.21
C ASP B 192 -11.91 -8.99 -9.56
N THR B 193 -11.75 -7.69 -9.68
CA THR B 193 -12.27 -6.96 -10.81
C THR B 193 -11.61 -7.30 -12.13
N ASP B 194 -10.48 -8.01 -12.10
CA ASP B 194 -9.81 -8.45 -13.31
C ASP B 194 -10.73 -9.36 -14.09
N GLN B 195 -11.46 -10.18 -13.36
CA GLN B 195 -12.37 -11.12 -13.99
C GLN B 195 -13.50 -10.46 -14.79
N LEU B 196 -13.99 -9.32 -14.30
CA LEU B 196 -15.28 -8.80 -14.72
C LEU B 196 -15.26 -7.57 -15.61
N THR B 197 -16.24 -7.51 -16.49
CA THR B 197 -16.61 -6.29 -17.17
C THR B 197 -17.83 -5.71 -16.46
N VAL B 198 -17.68 -4.53 -15.89
CA VAL B 198 -18.68 -3.85 -15.08
C VAL B 198 -18.97 -2.43 -15.54
N ALA B 199 -20.26 -2.10 -15.64
CA ALA B 199 -20.69 -0.76 -15.99
C ALA B 199 -20.97 0.07 -14.74
N VAL B 200 -20.12 1.06 -14.47
CA VAL B 200 -20.31 1.94 -13.33
C VAL B 200 -21.17 3.16 -13.71
N VAL B 201 -22.34 3.27 -13.10
CA VAL B 201 -23.24 4.38 -13.38
C VAL B 201 -23.17 5.42 -12.26
N ASP B 202 -22.43 6.50 -12.51
CA ASP B 202 -22.29 7.58 -11.55
C ASP B 202 -23.38 8.62 -11.77
N ILE B 203 -24.40 8.59 -10.94
CA ILE B 203 -25.53 9.51 -11.07
C ILE B 203 -25.38 10.71 -10.13
N GLY B 204 -24.90 11.82 -10.68
CA GLY B 204 -24.67 13.02 -9.89
C GLY B 204 -25.89 13.91 -9.77
N ALA B 205 -25.66 15.20 -9.57
CA ALA B 205 -26.74 16.16 -9.40
C ALA B 205 -27.21 16.71 -10.75
N THR B 206 -26.26 16.98 -11.63
CA THR B 206 -26.58 17.52 -12.95
C THR B 206 -26.02 16.67 -14.08
N MET B 207 -25.30 15.61 -13.73
CA MET B 207 -24.70 14.76 -14.75
C MET B 207 -24.66 13.30 -14.34
N THR B 208 -24.98 12.43 -15.31
CA THR B 208 -24.88 10.99 -15.12
C THR B 208 -23.79 10.45 -16.05
N THR B 209 -22.92 9.61 -15.52
CA THR B 209 -21.80 9.09 -16.30
C THR B 209 -21.76 7.57 -16.33
N LEU B 210 -21.69 7.01 -17.54
CA LEU B 210 -21.47 5.58 -17.69
C LEU B 210 -19.99 5.31 -17.89
N SER B 211 -19.41 4.51 -17.00
CA SER B 211 -18.01 4.10 -17.12
C SER B 211 -17.91 2.59 -17.12
N VAL B 212 -17.51 2.02 -18.25
CA VAL B 212 -17.36 0.58 -18.37
C VAL B 212 -15.93 0.18 -18.06
N LEU B 213 -15.76 -0.71 -17.08
CA LEU B 213 -14.43 -1.13 -16.66
C LEU B 213 -14.22 -2.62 -16.87
N HIS B 214 -13.35 -2.95 -17.83
CA HIS B 214 -13.01 -4.34 -18.11
C HIS B 214 -11.65 -4.66 -17.53
N ASN B 215 -11.64 -5.59 -16.58
CA ASN B 215 -10.44 -6.00 -15.87
C ASN B 215 -9.74 -4.84 -15.16
N GLY B 216 -10.51 -3.79 -14.83
CA GLY B 216 -10.01 -2.66 -14.09
C GLY B 216 -9.70 -1.43 -14.93
N ARG B 217 -9.76 -1.58 -16.26
CA ARG B 217 -9.42 -0.48 -17.15
C ARG B 217 -10.65 0.03 -17.91
N THR B 218 -10.78 1.34 -18.00
CA THR B 218 -11.94 1.97 -18.63
C THR B 218 -11.93 1.87 -20.16
N ILE B 219 -13.02 1.35 -20.73
CA ILE B 219 -13.13 1.25 -22.18
C ILE B 219 -14.15 2.23 -22.74
N TYR B 220 -15.04 2.72 -21.87
CA TYR B 220 -16.15 3.54 -22.35
C TYR B 220 -16.58 4.59 -21.34
N THR B 221 -16.86 5.79 -21.83
CA THR B 221 -17.38 6.86 -20.99
C THR B 221 -18.36 7.73 -21.77
N ARG B 222 -19.58 7.85 -21.25
CA ARG B 222 -20.59 8.69 -21.87
C ARG B 222 -21.29 9.51 -20.80
N GLU B 223 -21.67 10.74 -21.13
CA GLU B 223 -22.29 11.64 -20.18
C GLU B 223 -23.59 12.24 -20.71
N GLN B 224 -24.54 12.44 -19.80
CA GLN B 224 -25.81 13.06 -20.14
C GLN B 224 -26.23 14.05 -19.07
N LEU B 225 -27.10 14.99 -19.42
CA LEU B 225 -27.51 16.05 -18.51
C LEU B 225 -28.63 15.61 -17.57
N PHE B 226 -28.59 14.34 -17.16
CA PHE B 226 -29.55 13.82 -16.19
C PHE B 226 -28.90 13.72 -14.81
N GLY B 227 -29.62 14.14 -13.78
CA GLY B 227 -29.08 14.13 -12.44
C GLY B 227 -30.09 14.22 -11.31
N GLY B 228 -29.59 14.39 -10.10
CA GLY B 228 -30.42 14.43 -8.92
C GLY B 228 -31.10 15.77 -8.69
N ARG B 229 -30.63 16.80 -9.39
CA ARG B 229 -31.24 18.12 -9.29
C ARG B 229 -32.67 18.08 -9.81
N GLN B 230 -32.92 17.20 -10.76
CA GLN B 230 -34.27 17.00 -11.29
C GLN B 230 -35.20 16.46 -10.20
N LEU B 231 -34.62 15.74 -9.23
CA LEU B 231 -35.37 15.22 -8.11
C LEU B 231 -35.63 16.30 -7.07
N THR B 232 -34.58 17.08 -6.75
CA THR B 232 -34.69 18.18 -5.80
C THR B 232 -35.71 19.22 -6.25
N GLU B 233 -35.63 19.62 -7.51
CA GLU B 233 -36.44 20.72 -8.02
C GLU B 233 -37.94 20.39 -8.06
N GLU B 234 -38.29 19.11 -8.13
CA GLU B 234 -39.68 18.71 -8.01
C GLU B 234 -40.10 18.71 -6.55
N ILE B 235 -39.14 18.52 -5.65
CA ILE B 235 -39.40 18.61 -4.22
C ILE B 235 -39.59 20.07 -3.81
N GLN B 236 -38.69 20.93 -4.28
CA GLN B 236 -38.81 22.37 -4.06
C GLN B 236 -40.14 22.89 -4.55
N ARG B 237 -40.46 22.55 -5.80
CA ARG B 237 -41.62 23.09 -6.49
C ARG B 237 -42.93 22.65 -5.84
N ARG B 238 -43.06 21.35 -5.59
CA ARG B 238 -44.33 20.79 -5.11
C ARG B 238 -44.64 21.16 -3.66
N TYR B 239 -43.60 21.41 -2.86
CA TYR B 239 -43.80 21.58 -1.43
C TYR B 239 -43.34 22.95 -0.91
N GLY B 240 -42.91 23.82 -1.82
CA GLY B 240 -42.49 25.16 -1.44
C GLY B 240 -41.33 25.17 -0.47
N LEU B 241 -40.34 24.32 -0.72
CA LEU B 241 -39.15 24.24 0.11
C LEU B 241 -37.95 24.81 -0.64
N SER B 242 -36.94 25.23 0.10
CA SER B 242 -35.74 25.79 -0.53
C SER B 242 -34.82 24.67 -1.00
N VAL B 243 -33.74 25.04 -1.68
CA VAL B 243 -32.75 24.08 -2.15
C VAL B 243 -32.15 23.28 -1.00
N GLU B 244 -31.89 23.96 0.11
CA GLU B 244 -31.30 23.34 1.28
C GLU B 244 -32.28 22.36 1.93
N GLU B 245 -33.51 22.80 2.14
CA GLU B 245 -34.54 21.99 2.76
C GLU B 245 -34.86 20.75 1.96
N ALA B 246 -34.96 20.92 0.64
CA ALA B 246 -35.33 19.83 -0.26
C ALA B 246 -34.30 18.71 -0.23
N GLY B 247 -33.02 19.08 -0.14
CA GLY B 247 -31.95 18.12 -0.13
C GLY B 247 -31.98 17.22 1.09
N LEU B 248 -32.38 17.78 2.23
CA LEU B 248 -32.44 17.01 3.47
C LEU B 248 -33.61 16.05 3.44
N ALA B 249 -34.71 16.46 2.82
CA ALA B 249 -35.90 15.64 2.73
C ALA B 249 -35.66 14.37 1.93
N LYS B 250 -34.65 14.39 1.07
CA LYS B 250 -34.25 13.19 0.34
C LYS B 250 -33.65 12.17 1.30
N LYS B 251 -32.77 12.65 2.17
CA LYS B 251 -32.11 11.81 3.15
C LYS B 251 -33.02 11.52 4.33
N GLN B 252 -33.49 12.59 4.96
CA GLN B 252 -34.24 12.48 6.20
C GLN B 252 -35.68 12.01 5.99
N GLY B 253 -36.25 12.33 4.83
CA GLY B 253 -37.64 12.04 4.58
C GLY B 253 -38.52 13.05 5.29
N GLY B 254 -39.79 12.72 5.46
CA GLY B 254 -40.70 13.61 6.17
C GLY B 254 -41.66 14.32 5.23
N LEU B 255 -41.48 14.11 3.93
CA LEU B 255 -42.37 14.70 2.94
C LEU B 255 -43.74 14.02 3.00
N PRO B 256 -44.81 14.78 2.68
CA PRO B 256 -46.19 14.26 2.72
C PRO B 256 -46.37 12.97 1.93
N ASP B 257 -47.43 12.24 2.23
CA ASP B 257 -47.65 10.89 1.71
C ASP B 257 -47.56 10.76 0.19
N ASP B 258 -47.94 11.81 -0.52
CA ASP B 258 -48.00 11.77 -1.98
C ASP B 258 -46.63 11.90 -2.63
N TYR B 259 -45.57 11.95 -1.83
CA TYR B 259 -44.22 12.12 -2.34
C TYR B 259 -43.77 10.98 -3.25
N ASP B 260 -43.99 9.75 -2.79
CA ASP B 260 -43.55 8.57 -3.53
C ASP B 260 -44.19 8.47 -4.92
N SER B 261 -45.49 8.64 -4.98
CA SER B 261 -46.24 8.40 -6.21
C SER B 261 -46.15 9.54 -7.23
N GLU B 262 -46.01 10.76 -6.73
CA GLU B 262 -46.04 11.94 -7.60
C GLU B 262 -44.65 12.47 -7.98
N VAL B 263 -43.65 12.14 -7.17
CA VAL B 263 -42.31 12.66 -7.40
C VAL B 263 -41.25 11.57 -7.53
N LEU B 264 -41.11 10.73 -6.50
CA LEU B 264 -40.01 9.79 -6.42
C LEU B 264 -40.10 8.64 -7.42
N ARG B 265 -41.27 8.00 -7.50
CA ARG B 265 -41.48 6.92 -8.45
C ARG B 265 -41.28 7.35 -9.92
N PRO B 266 -41.83 8.51 -10.32
CA PRO B 266 -41.55 8.95 -11.69
C PRO B 266 -40.06 9.19 -11.96
N PHE B 267 -39.34 9.73 -10.99
CA PHE B 267 -37.92 10.00 -11.17
C PHE B 267 -37.11 8.71 -11.28
N LYS B 268 -37.51 7.70 -10.51
CA LYS B 268 -36.88 6.38 -10.59
C LYS B 268 -37.00 5.84 -12.01
N ASP B 269 -38.17 6.00 -12.59
CA ASP B 269 -38.40 5.59 -13.98
C ASP B 269 -37.55 6.41 -14.94
N ALA B 270 -37.29 7.67 -14.57
CA ALA B 270 -36.45 8.54 -15.37
C ALA B 270 -34.99 8.14 -15.23
N VAL B 271 -34.63 7.57 -14.08
CA VAL B 271 -33.29 7.05 -13.86
C VAL B 271 -33.10 5.77 -14.65
N VAL B 272 -34.06 4.84 -14.50
CA VAL B 272 -34.02 3.56 -15.19
C VAL B 272 -33.92 3.73 -16.70
N GLN B 273 -34.77 4.59 -17.25
CA GLN B 273 -34.76 4.88 -18.68
C GLN B 273 -33.41 5.44 -19.13
N GLN B 274 -32.80 6.25 -18.28
CA GLN B 274 -31.52 6.87 -18.59
C GLN B 274 -30.38 5.84 -18.56
N VAL B 275 -30.37 5.04 -17.50
CA VAL B 275 -29.38 3.96 -17.39
C VAL B 275 -29.50 2.99 -18.55
N SER B 276 -30.75 2.66 -18.88
CA SER B 276 -31.04 1.76 -20.00
C SER B 276 -30.51 2.32 -21.31
N ARG B 277 -30.72 3.62 -21.52
CA ARG B 277 -30.27 4.29 -22.73
C ARG B 277 -28.75 4.39 -22.81
N SER B 278 -28.12 4.65 -21.67
CA SER B 278 -26.66 4.71 -21.61
C SER B 278 -26.03 3.39 -22.03
N LEU B 279 -26.58 2.28 -21.53
CA LEU B 279 -26.07 0.95 -21.83
C LEU B 279 -26.24 0.59 -23.31
N GLN B 280 -27.35 1.01 -23.91
CA GLN B 280 -27.61 0.70 -25.31
C GLN B 280 -26.67 1.46 -26.24
N PHE B 281 -26.28 2.67 -25.83
CA PHE B 281 -25.29 3.45 -26.57
C PHE B 281 -23.95 2.73 -26.61
N PHE B 282 -23.58 2.11 -25.49
CA PHE B 282 -22.30 1.44 -25.34
C PHE B 282 -22.23 0.15 -26.16
N PHE B 283 -23.32 -0.61 -26.19
CA PHE B 283 -23.37 -1.87 -26.91
C PHE B 283 -23.24 -1.67 -28.42
N ALA B 284 -23.87 -0.60 -28.91
CA ALA B 284 -23.88 -0.31 -30.34
C ALA B 284 -22.62 0.44 -30.76
N ALA B 285 -21.65 0.54 -29.86
CA ALA B 285 -20.43 1.31 -30.13
C ALA B 285 -19.17 0.45 -30.03
N GLY B 286 -19.33 -0.84 -29.77
CA GLY B 286 -18.18 -1.71 -29.60
C GLY B 286 -18.47 -3.20 -29.71
N GLN B 287 -17.50 -3.99 -29.25
CA GLN B 287 -17.55 -5.45 -29.38
C GLN B 287 -18.39 -6.11 -28.28
N PHE B 288 -18.63 -5.38 -27.19
CA PHE B 288 -19.32 -5.94 -26.05
C PHE B 288 -20.82 -6.06 -26.29
N ASN B 289 -21.38 -7.21 -25.92
CA ASN B 289 -22.80 -7.47 -26.11
C ASN B 289 -23.57 -7.46 -24.79
N ASP B 290 -22.84 -7.53 -23.68
CA ASP B 290 -23.46 -7.48 -22.35
C ASP B 290 -22.44 -7.11 -21.28
N VAL B 291 -22.95 -6.69 -20.12
CA VAL B 291 -22.11 -6.40 -18.97
C VAL B 291 -22.42 -7.36 -17.84
N ASP B 292 -21.41 -7.65 -17.02
CA ASP B 292 -21.57 -8.59 -15.90
C ASP B 292 -22.31 -7.95 -14.74
N TYR B 293 -22.00 -6.69 -14.47
CA TYR B 293 -22.58 -5.97 -13.34
C TYR B 293 -22.91 -4.53 -13.68
N ILE B 294 -23.80 -3.93 -12.88
CA ILE B 294 -24.01 -2.49 -12.91
C ILE B 294 -23.74 -1.94 -11.51
N VAL B 295 -22.78 -1.03 -11.40
CA VAL B 295 -22.47 -0.41 -10.12
C VAL B 295 -22.98 1.02 -10.07
N LEU B 296 -23.95 1.27 -9.18
CA LEU B 296 -24.52 2.59 -9.04
C LEU B 296 -23.66 3.47 -8.13
N ALA B 297 -23.21 4.60 -8.66
CA ALA B 297 -22.42 5.55 -7.90
C ALA B 297 -23.06 6.94 -7.96
N GLY B 298 -22.58 7.85 -7.11
CA GLY B 298 -23.14 9.18 -7.03
C GLY B 298 -24.18 9.28 -5.94
N GLY B 299 -24.49 10.49 -5.52
CA GLY B 299 -25.42 10.72 -4.43
C GLY B 299 -26.82 10.19 -4.68
N THR B 300 -27.26 10.24 -5.93
CA THR B 300 -28.60 9.79 -6.30
C THR B 300 -28.71 8.27 -6.24
N ALA B 301 -27.56 7.59 -6.17
CA ALA B 301 -27.55 6.14 -6.08
C ALA B 301 -27.96 5.65 -4.68
N SER B 302 -28.12 6.59 -3.75
CA SER B 302 -28.48 6.26 -2.38
C SER B 302 -29.99 6.14 -2.19
N ILE B 303 -30.74 6.40 -3.25
CA ILE B 303 -32.18 6.22 -3.25
C ILE B 303 -32.54 4.79 -2.88
N GLN B 304 -33.44 4.63 -1.92
CA GLN B 304 -33.82 3.32 -1.41
C GLN B 304 -34.31 2.38 -2.52
N ASP B 305 -33.67 1.22 -2.60
CA ASP B 305 -34.05 0.16 -3.53
C ASP B 305 -34.09 0.63 -4.99
N LEU B 306 -33.30 1.64 -5.30
CA LEU B 306 -33.11 2.07 -6.69
C LEU B 306 -32.30 1.00 -7.41
N ASP B 307 -31.38 0.38 -6.69
CA ASP B 307 -30.56 -0.71 -7.22
C ASP B 307 -31.42 -1.91 -7.61
N ARG B 308 -32.41 -2.22 -6.78
CA ARG B 308 -33.31 -3.34 -7.04
C ARG B 308 -34.18 -3.07 -8.27
N LEU B 309 -34.67 -1.84 -8.40
CA LEU B 309 -35.51 -1.47 -9.53
C LEU B 309 -34.74 -1.52 -10.85
N ILE B 310 -33.52 -1.01 -10.83
CA ILE B 310 -32.67 -1.00 -12.02
C ILE B 310 -32.29 -2.44 -12.40
N GLN B 311 -32.08 -3.28 -11.38
CA GLN B 311 -31.78 -4.69 -11.62
C GLN B 311 -32.95 -5.39 -12.32
N GLN B 312 -34.16 -5.03 -11.92
CA GLN B 312 -35.37 -5.58 -12.51
C GLN B 312 -35.53 -5.21 -13.98
N LYS B 313 -35.53 -3.91 -14.26
CA LYS B 313 -35.86 -3.38 -15.57
C LYS B 313 -34.77 -3.60 -16.62
N ILE B 314 -33.56 -3.91 -16.16
CA ILE B 314 -32.44 -4.11 -17.08
C ILE B 314 -32.06 -5.59 -17.18
N GLY B 315 -32.11 -6.30 -16.06
CA GLY B 315 -31.79 -7.72 -16.04
C GLY B 315 -30.32 -7.97 -15.80
N THR B 316 -29.61 -6.94 -15.38
CA THR B 316 -28.19 -7.03 -15.07
C THR B 316 -28.01 -6.86 -13.56
N PRO B 317 -27.16 -7.70 -12.94
CA PRO B 317 -26.86 -7.55 -11.51
C PRO B 317 -26.46 -6.13 -11.13
N THR B 318 -27.11 -5.58 -10.12
CA THR B 318 -26.90 -4.20 -9.71
C THR B 318 -26.64 -4.08 -8.22
N LEU B 319 -25.67 -3.24 -7.85
CA LEU B 319 -25.37 -2.98 -6.45
C LEU B 319 -24.95 -1.52 -6.25
N VAL B 320 -25.14 -1.02 -5.03
CA VAL B 320 -24.73 0.33 -4.69
C VAL B 320 -23.27 0.31 -4.23
N ALA B 321 -22.46 1.14 -4.86
CA ALA B 321 -21.03 1.19 -4.58
C ALA B 321 -20.75 1.55 -3.11
N ASN B 322 -19.84 0.80 -2.50
CA ASN B 322 -19.45 1.04 -1.12
C ASN B 322 -17.98 0.69 -0.90
N PRO B 323 -17.08 1.65 -1.16
CA PRO B 323 -15.65 1.41 -0.99
C PRO B 323 -15.22 1.35 0.47
N PHE B 324 -16.15 1.64 1.38
CA PHE B 324 -15.84 1.61 2.81
C PHE B 324 -16.43 0.38 3.50
N ALA B 325 -16.68 -0.66 2.73
CA ALA B 325 -17.31 -1.87 3.26
C ALA B 325 -16.40 -2.59 4.25
N ASP B 326 -15.14 -2.79 3.87
CA ASP B 326 -14.20 -3.53 4.70
C ASP B 326 -13.26 -2.61 5.48
N MET B 327 -13.36 -1.32 5.21
CA MET B 327 -12.50 -0.32 5.85
C MET B 327 -12.84 -0.15 7.33
N ALA B 328 -11.83 0.24 8.11
CA ALA B 328 -12.02 0.58 9.51
C ALA B 328 -12.30 2.07 9.65
N LEU B 329 -12.90 2.47 10.76
CA LEU B 329 -13.32 3.86 10.92
C LEU B 329 -12.75 4.52 12.17
N ASN B 330 -12.31 5.76 12.02
CA ASN B 330 -11.98 6.59 13.17
C ASN B 330 -13.25 6.81 14.00
N GLY B 331 -13.09 6.92 15.32
CA GLY B 331 -14.22 7.11 16.20
C GLY B 331 -14.98 8.39 15.92
N LYS B 332 -14.28 9.41 15.42
CA LYS B 332 -14.90 10.71 15.17
C LYS B 332 -15.67 10.72 13.84
N VAL B 333 -15.54 9.64 13.07
CA VAL B 333 -16.27 9.51 11.83
C VAL B 333 -17.58 8.77 12.03
N ASN B 334 -18.68 9.44 11.71
CA ASN B 334 -20.01 8.86 11.86
C ASN B 334 -20.24 7.74 10.84
N ALA B 335 -20.35 6.51 11.33
CA ALA B 335 -20.50 5.34 10.47
C ALA B 335 -21.80 5.38 9.66
N GLY B 336 -22.86 5.87 10.27
CA GLY B 336 -24.15 5.96 9.61
C GLY B 336 -24.15 6.96 8.47
N ALA B 337 -23.58 8.14 8.73
CA ALA B 337 -23.49 9.19 7.73
C ALA B 337 -22.66 8.74 6.53
N LEU B 338 -21.52 8.12 6.82
CA LEU B 338 -20.60 7.67 5.78
C LEU B 338 -21.23 6.68 4.81
N ALA B 339 -22.00 5.74 5.36
CA ALA B 339 -22.65 4.69 4.56
C ALA B 339 -23.60 5.29 3.54
N SER B 340 -24.27 6.37 3.93
CA SER B 340 -25.27 7.01 3.07
C SER B 340 -24.62 7.90 2.02
N ASP B 341 -23.38 8.30 2.26
CA ASP B 341 -22.65 9.15 1.31
C ASP B 341 -21.60 8.35 0.57
N ALA B 342 -21.60 7.04 0.78
CA ALA B 342 -20.60 6.15 0.18
C ALA B 342 -20.53 6.22 -1.35
N PRO B 343 -21.67 6.06 -2.06
CA PRO B 343 -21.54 6.03 -3.52
C PRO B 343 -21.17 7.38 -4.14
N ALA B 344 -21.15 8.44 -3.32
CA ALA B 344 -20.77 9.76 -3.80
C ALA B 344 -19.29 10.05 -3.57
N LEU B 345 -18.63 9.14 -2.86
CA LEU B 345 -17.23 9.35 -2.47
C LEU B 345 -16.25 8.49 -3.25
N MET B 346 -16.71 7.91 -4.36
CA MET B 346 -15.86 7.07 -5.20
C MET B 346 -14.65 7.85 -5.72
N ILE B 347 -14.90 9.05 -6.21
CA ILE B 347 -13.82 9.89 -6.74
C ILE B 347 -12.90 10.36 -5.62
N ALA B 348 -13.49 10.77 -4.51
CA ALA B 348 -12.72 11.23 -3.35
C ALA B 348 -11.90 10.08 -2.76
N CYS B 349 -12.44 8.87 -2.84
CA CYS B 349 -11.74 7.68 -2.36
C CYS B 349 -10.56 7.37 -3.25
N GLY B 350 -10.76 7.45 -4.56
CA GLY B 350 -9.72 7.16 -5.52
C GLY B 350 -8.56 8.14 -5.48
N LEU B 351 -8.87 9.39 -5.14
CA LEU B 351 -7.84 10.41 -4.99
C LEU B 351 -7.02 10.14 -3.73
N ALA B 352 -7.68 9.66 -2.69
CA ALA B 352 -7.02 9.37 -1.43
C ALA B 352 -6.16 8.10 -1.51
N LEU B 353 -6.51 7.23 -2.44
CA LEU B 353 -5.75 6.00 -2.66
C LEU B 353 -4.44 6.26 -3.38
N ARG B 354 -4.33 7.45 -3.97
CA ARG B 354 -3.13 7.86 -4.68
C ARG B 354 -1.97 8.10 -3.71
N SER B 355 -2.30 8.34 -2.46
CA SER B 355 -1.32 8.65 -1.42
C SER B 355 -0.30 7.53 -1.19
N PHE B 356 -0.71 6.30 -1.49
CA PHE B 356 0.07 5.12 -1.09
C PHE B 356 0.90 4.57 -2.24
N ASP B 357 1.04 5.37 -3.29
CA ASP B 357 1.85 4.97 -4.45
C ASP B 357 3.20 5.72 -4.45
PG ANP C . 21.23 -17.43 10.86
O1G ANP C . 22.47 -18.07 11.42
O2G ANP C . 21.45 -16.00 10.48
O3G ANP C . 20.01 -17.59 11.69
PB ANP C . 19.27 -18.37 8.79
O1B ANP C . 19.29 -17.72 7.45
O2B ANP C . 18.32 -17.82 9.80
N3B ANP C . 20.88 -18.33 9.44
PA ANP C . 17.23 -20.18 8.59
O1A ANP C . 16.66 -19.78 7.29
O2A ANP C . 16.61 -19.70 9.85
O3A ANP C . 18.79 -19.85 8.56
O5' ANP C . 17.26 -21.76 8.60
C5' ANP C . 16.66 -22.45 9.69
C4' ANP C . 17.21 -23.88 9.83
O4' ANP C . 16.12 -24.79 9.79
C3' ANP C . 18.14 -24.32 8.72
O3' ANP C . 19.46 -24.41 9.23
C2' ANP C . 17.71 -25.71 8.36
O2' ANP C . 18.82 -26.54 8.63
C1' ANP C . 16.60 -26.05 9.32
N9 ANP C . 15.50 -26.85 8.73
C8 ANP C . 15.07 -26.84 7.47
N7 ANP C . 14.06 -27.70 7.28
C5 ANP C . 13.83 -28.30 8.44
C6 ANP C . 12.92 -29.33 8.94
N6 ANP C . 12.00 -29.89 8.12
N1 ANP C . 13.00 -29.68 10.22
C2 ANP C . 13.90 -29.13 11.04
N3 ANP C . 14.77 -28.20 10.64
C4 ANP C . 14.78 -27.74 9.38
MG MG D . 17.29 -14.77 10.71
PG ANP E . -22.31 16.89 -10.61
O1G ANP E . -21.55 15.65 -10.91
O2G ANP E . -21.64 18.15 -11.00
O3G ANP E . -23.73 16.91 -11.06
PB ANP E . -21.92 15.64 -7.83
O1B ANP E . -21.28 14.56 -8.63
O2B ANP E . -21.17 16.22 -6.69
N3B ANP E . -22.41 16.94 -8.87
PA ANP E . -23.08 13.97 -6.01
O1A ANP E . -22.48 12.75 -6.59
O2A ANP E . -22.49 14.61 -4.79
O3A ANP E . -23.22 15.05 -7.16
O5' ANP E . -24.61 13.67 -5.74
C5' ANP E . -25.40 14.66 -5.11
C4' ANP E . -26.88 14.39 -5.34
O4' ANP E . -27.25 13.23 -4.64
C3' ANP E . -27.71 15.49 -4.76
O3' ANP E . -28.53 16.02 -5.78
C2' ANP E . -28.66 14.86 -3.80
O2' ANP E . -29.95 15.27 -4.22
C1' ANP E . -28.53 13.40 -4.08
N9 ANP E . -28.65 12.59 -2.87
C8 ANP E . -27.79 12.60 -1.85
N7 ANP E . -28.17 11.74 -0.88
C5 ANP E . -29.31 11.18 -1.28
C6 ANP E . -30.25 10.19 -0.72
N6 ANP E . -30.03 9.62 0.49
N1 ANP E . -31.32 9.89 -1.45
C2 ANP E . -31.54 10.44 -2.64
N3 ANP E . -30.73 11.34 -3.20
C4 ANP E . -29.62 11.74 -2.58
MG MG F . -19.99 13.16 -10.38
#